data_6P86
#
_entry.id   6P86
#
_cell.length_a   97.617
_cell.length_b   97.617
_cell.length_c   216.638
_cell.angle_alpha   90.000
_cell.angle_beta   90.000
_cell.angle_gamma   120.000
#
_symmetry.space_group_name_H-M   'P 32 2 1'
#
loop_
_entity.id
_entity.type
_entity.pdbx_description
1 polymer 'UDP-3-O-(3-hydroxymyristoyl)glucosamine N-acyltransferase'
2 non-polymer 'MAGNESIUM ION'
3 non-polymer N-[(4-ethylphenyl)methyl]-2-[(6aR)-6-oxo-3-(pyrrolidine-1-carbonyl)-6,6a,7,8,9,10-hexahydro-5H-pyrido[1,2-a]quinoxalin-5-yl]acetamide
4 non-polymer 3-hydroxy-7,7-dimethyl-2-phenyl-4-(thiophen-2-yl)-2,6,7,8-tetrahydro-5H-pyrazolo[3,4-b]quinolin-5-one
5 water water
#
_entity_poly.entity_id   1
_entity_poly.type   'polypeptide(L)'
_entity_poly.pdbx_seq_one_letter_code
;GSGGSIRLADLAQQLDAELHGDGDIVITGVASMQSAQTGHITFMVNPKYREHLGLCQASAVVMTQDDLPFAKSAALVVKN
PYLTYARMAQILDTTPQPAQNIAPSAVIDATAKLGNNVSIGANAVIESGVELGDNVIIGAGCFVGKNSKIGAGSRLWANV
TIYHEIQIGQNCLIQSGTVVGADGFGYANDRGNWVKIPQIGRVIIGDRVEIGACTTIDRGALDDTIIGNGVIIDNQCQIA
HNVVIGDNTAVAGGVIMAGSLKIGRYCMIGGASVINGHMEICDKVTVTGMGMVMRPITEPGVYSSGIPLQPNKVWRKTAA
LVMNIDDMSKRLKSLERKVNQQD
;
_entity_poly.pdbx_strand_id   A,B,C
#
loop_
_chem_comp.id
_chem_comp.type
_chem_comp.name
_chem_comp.formula
MG non-polymer 'MAGNESIUM ION' 'Mg 2'
O3V non-polymer 3-hydroxy-7,7-dimethyl-2-phenyl-4-(thiophen-2-yl)-2,6,7,8-tetrahydro-5H-pyrazolo[3,4-b]quinolin-5-one 'C22 H19 N3 O2 S'
O4S non-polymer N-[(4-ethylphenyl)methyl]-2-[(6aR)-6-oxo-3-(pyrrolidine-1-carbonyl)-6,6a,7,8,9,10-hexahydro-5H-pyrido[1,2-a]quinoxalin-5-yl]acetamide 'C28 H34 N4 O3'
#
# COMPACT_ATOMS: atom_id res chain seq x y z
N SER A 5 10.45 34.18 13.89
CA SER A 5 11.36 34.49 14.99
C SER A 5 10.60 35.17 16.12
N ILE A 6 10.94 34.80 17.35
CA ILE A 6 10.13 35.17 18.51
C ILE A 6 11.03 35.25 19.73
N ARG A 7 10.78 36.25 20.57
CA ARG A 7 11.53 36.37 21.82
C ARG A 7 11.18 35.24 22.77
N LEU A 8 12.20 34.73 23.47
CA LEU A 8 12.00 33.61 24.38
C LEU A 8 10.92 33.91 25.42
N ALA A 9 10.87 35.15 25.91
CA ALA A 9 9.85 35.49 26.90
C ALA A 9 8.45 35.32 26.31
N ASP A 10 8.26 35.83 25.09
CA ASP A 10 6.96 35.72 24.44
C ASP A 10 6.61 34.26 24.15
N LEU A 11 7.56 33.50 23.64
CA LEU A 11 7.32 32.07 23.40
C LEU A 11 6.93 31.37 24.70
N ALA A 12 7.66 31.62 25.78
CA ALA A 12 7.35 30.95 27.05
C ALA A 12 5.94 31.29 27.51
N GLN A 13 5.49 32.51 27.26
CA GLN A 13 4.14 32.91 27.65
C GLN A 13 3.09 32.12 26.87
N GLN A 14 3.26 32.02 25.55
CA GLN A 14 2.29 31.28 24.74
C GLN A 14 2.27 29.80 25.06
N LEU A 15 3.34 29.25 25.64
CA LEU A 15 3.39 27.85 26.03
C LEU A 15 3.08 27.63 27.49
N ASP A 16 2.77 28.69 28.23
CA ASP A 16 2.51 28.58 29.67
C ASP A 16 3.64 27.84 30.36
N ALA A 17 4.88 28.18 30.00
CA ALA A 17 6.07 27.61 30.62
C ALA A 17 6.74 28.64 31.51
N GLU A 18 7.46 28.16 32.51
CA GLU A 18 8.22 29.03 33.40
C GLU A 18 9.61 29.24 32.81
N LEU A 19 9.95 30.49 32.54
CA LEU A 19 11.24 30.83 31.94
C LEU A 19 12.33 30.93 32.99
N HIS A 20 13.45 30.25 32.76
CA HIS A 20 14.67 30.39 33.56
C HIS A 20 15.78 30.81 32.60
N GLY A 21 16.05 32.09 32.53
CA GLY A 21 17.09 32.62 31.67
C GLY A 21 16.64 33.90 31.00
N ASP A 22 17.47 34.38 30.08
CA ASP A 22 17.26 35.69 29.47
C ASP A 22 16.06 35.64 28.52
N GLY A 23 14.99 36.34 28.88
CA GLY A 23 13.79 36.38 28.04
C GLY A 23 13.95 37.13 26.73
N ASP A 24 15.05 37.86 26.54
CA ASP A 24 15.28 38.60 25.30
C ASP A 24 15.89 37.73 24.20
N ILE A 25 16.22 36.48 24.50
CA ILE A 25 16.80 35.61 23.48
C ILE A 25 15.82 35.45 22.32
N VAL A 26 16.35 35.55 21.09
CA VAL A 26 15.53 35.42 19.90
C VAL A 26 15.56 33.96 19.45
N ILE A 27 14.39 33.32 19.42
CA ILE A 27 14.26 31.95 18.94
C ILE A 27 13.74 31.97 17.51
N THR A 28 14.48 31.31 16.61
CA THR A 28 14.14 31.27 15.20
C THR A 28 13.58 29.94 14.73
N GLY A 29 13.67 28.89 15.54
CA GLY A 29 13.16 27.59 15.09
C GLY A 29 13.43 26.51 16.12
N VAL A 30 12.90 25.31 15.82
CA VAL A 30 13.02 24.13 16.68
C VAL A 30 14.06 23.21 16.05
N ALA A 31 14.83 22.54 16.89
CA ALA A 31 15.80 21.57 16.39
C ALA A 31 15.96 20.47 17.42
N SER A 32 16.49 19.33 16.96
CA SER A 32 16.80 18.23 17.86
C SER A 32 17.93 18.62 18.79
N MET A 33 18.05 17.90 19.92
CA MET A 33 19.10 18.26 20.86
C MET A 33 20.49 18.09 20.24
N GLN A 34 20.67 17.10 19.37
CA GLN A 34 22.00 16.92 18.80
C GLN A 34 22.30 17.95 17.72
N SER A 35 21.29 18.49 17.04
CA SER A 35 21.52 19.42 15.94
C SER A 35 21.39 20.89 16.33
N ALA A 36 20.86 21.20 17.52
CA ALA A 36 20.49 22.56 17.84
C ALA A 36 21.69 23.50 17.84
N GLN A 37 21.50 24.70 17.30
CA GLN A 37 22.50 25.76 17.34
C GLN A 37 21.92 27.01 18.00
N THR A 38 22.75 28.04 18.12
CA THR A 38 22.28 29.33 18.61
C THR A 38 21.05 29.78 17.82
N GLY A 39 20.02 30.21 18.52
CA GLY A 39 18.77 30.57 17.90
C GLY A 39 17.71 29.48 17.92
N HIS A 40 18.09 28.24 18.20
CA HIS A 40 17.16 27.12 18.23
C HIS A 40 16.67 26.84 19.64
N ILE A 41 15.41 26.40 19.73
CA ILE A 41 14.88 25.83 20.97
C ILE A 41 14.73 24.33 20.74
N THR A 42 15.05 23.55 21.77
CA THR A 42 14.93 22.11 21.69
C THR A 42 14.24 21.62 22.96
N PHE A 43 14.21 20.30 23.20
CA PHE A 43 13.51 19.75 24.35
C PHE A 43 14.20 18.46 24.76
N MET A 44 13.90 18.00 25.98
CA MET A 44 14.39 16.70 26.40
C MET A 44 13.33 16.02 27.26
N VAL A 45 13.21 14.70 27.09
CA VAL A 45 12.22 13.91 27.81
C VAL A 45 12.92 12.80 28.59
N ASN A 46 14.00 12.26 28.00
CA ASN A 46 14.77 11.17 28.60
C ASN A 46 15.84 11.74 29.53
N PRO A 47 15.85 11.31 30.80
CA PRO A 47 16.86 11.83 31.74
C PRO A 47 18.29 11.48 31.37
N LYS A 48 18.50 10.54 30.44
CA LYS A 48 19.87 10.19 30.04
C LYS A 48 20.62 11.36 29.45
N TYR A 49 19.92 12.37 28.93
CA TYR A 49 20.56 13.51 28.28
C TYR A 49 20.98 14.59 29.27
N ARG A 50 20.65 14.44 30.56
CA ARG A 50 20.98 15.49 31.52
C ARG A 50 22.48 15.74 31.57
N GLU A 51 23.27 14.67 31.61
CA GLU A 51 24.71 14.81 31.86
C GLU A 51 25.43 15.58 30.77
N HIS A 52 24.89 15.62 29.55
CA HIS A 52 25.57 16.23 28.42
C HIS A 52 24.83 17.43 27.85
N LEU A 53 23.97 18.08 28.65
CA LEU A 53 23.39 19.34 28.22
C LEU A 53 24.45 20.41 27.98
N GLY A 54 25.63 20.27 28.60
CA GLY A 54 26.72 21.18 28.34
C GLY A 54 27.27 21.09 26.92
N LEU A 55 26.93 20.03 26.21
CA LEU A 55 27.30 19.89 24.80
C LEU A 55 26.20 20.35 23.84
N CYS A 56 24.97 20.48 24.32
CA CYS A 56 23.89 21.01 23.50
C CYS A 56 24.13 22.50 23.24
N GLN A 57 23.96 22.92 21.98
CA GLN A 57 24.22 24.31 21.61
C GLN A 57 22.94 25.10 21.35
N ALA A 58 21.79 24.59 21.80
CA ALA A 58 20.54 25.32 21.69
C ALA A 58 20.56 26.59 22.54
N SER A 59 19.78 27.60 22.11
CA SER A 59 19.58 28.79 22.93
C SER A 59 18.65 28.52 24.13
N ALA A 60 17.82 27.48 24.07
CA ALA A 60 16.93 27.16 25.19
C ALA A 60 16.50 25.71 25.07
N VAL A 61 16.19 25.09 26.23
CA VAL A 61 15.79 23.70 26.29
C VAL A 61 14.53 23.58 27.12
N VAL A 62 13.47 23.04 26.53
CA VAL A 62 12.26 22.70 27.26
C VAL A 62 12.50 21.45 28.09
N MET A 63 12.21 21.54 29.39
CA MET A 63 12.52 20.43 30.31
C MET A 63 11.56 20.49 31.50
N THR A 64 11.66 19.49 32.38
CA THR A 64 10.85 19.43 33.58
C THR A 64 11.55 20.15 34.73
N GLN A 65 10.87 20.23 35.88
CA GLN A 65 11.47 20.87 37.05
C GLN A 65 12.69 20.08 37.53
N ASP A 66 12.59 18.75 37.57
CA ASP A 66 13.72 17.93 37.99
C ASP A 66 14.92 18.06 37.06
N ASP A 67 14.71 18.53 35.83
CA ASP A 67 15.83 18.74 34.92
C ASP A 67 16.57 20.04 35.19
N LEU A 68 15.89 21.03 35.78
CA LEU A 68 16.45 22.38 35.85
C LEU A 68 17.85 22.45 36.43
N PRO A 69 18.20 21.70 37.48
CA PRO A 69 19.58 21.79 38.00
C PRO A 69 20.63 21.47 36.96
N PHE A 70 20.36 20.53 36.07
CA PHE A 70 21.32 20.15 35.04
C PHE A 70 21.34 21.09 33.86
N ALA A 71 20.49 22.11 33.85
CA ALA A 71 20.44 23.05 32.73
C ALA A 71 21.78 23.77 32.59
N LYS A 72 22.21 23.90 31.33
CA LYS A 72 23.41 24.66 30.98
C LYS A 72 23.07 25.79 30.02
N SER A 73 21.81 26.21 30.00
CA SER A 73 21.31 27.20 29.07
C SER A 73 19.98 27.72 29.62
N ALA A 74 19.43 28.73 28.96
CA ALA A 74 18.06 29.13 29.27
C ALA A 74 17.15 27.90 29.16
N ALA A 75 16.19 27.81 30.08
CA ALA A 75 15.32 26.64 30.13
C ALA A 75 13.88 27.07 30.32
N LEU A 76 12.96 26.36 29.66
CA LEU A 76 11.53 26.53 29.88
C LEU A 76 11.04 25.29 30.62
N VAL A 77 10.50 25.50 31.82
CA VAL A 77 10.06 24.39 32.65
C VAL A 77 8.59 24.16 32.45
N VAL A 78 8.22 22.90 32.22
CA VAL A 78 6.85 22.48 31.96
C VAL A 78 6.67 21.08 32.54
N LYS A 79 5.41 20.65 32.65
CA LYS A 79 5.13 19.30 33.12
C LYS A 79 5.37 18.25 32.04
N ASN A 80 5.13 18.60 30.76
CA ASN A 80 5.15 17.63 29.66
C ASN A 80 5.97 18.20 28.51
N PRO A 81 7.29 17.99 28.50
CA PRO A 81 8.12 18.58 27.43
C PRO A 81 7.70 18.14 26.03
N TYR A 82 7.23 16.91 25.86
CA TYR A 82 6.87 16.44 24.51
C TYR A 82 5.65 17.17 23.98
N LEU A 83 4.64 17.37 24.83
CA LEU A 83 3.47 18.15 24.42
C LEU A 83 3.85 19.61 24.19
N THR A 84 4.68 20.18 25.05
CA THR A 84 5.15 21.54 24.82
C THR A 84 5.91 21.62 23.51
N TYR A 85 6.69 20.58 23.20
CA TYR A 85 7.41 20.54 21.92
C TYR A 85 6.41 20.59 20.76
N ALA A 86 5.38 19.74 20.81
CA ALA A 86 4.36 19.81 19.77
C ALA A 86 3.85 21.24 19.60
N ARG A 87 3.55 21.92 20.71
CA ARG A 87 2.96 23.26 20.61
C ARG A 87 3.95 24.27 20.05
N MET A 88 5.21 24.22 20.48
CA MET A 88 6.16 25.21 19.99
C MET A 88 6.55 24.96 18.55
N ALA A 89 6.57 23.69 18.12
CA ALA A 89 6.82 23.39 16.71
C ALA A 89 5.72 23.96 15.83
N GLN A 90 4.47 24.00 16.32
CA GLN A 90 3.39 24.60 15.56
C GLN A 90 3.57 26.12 15.47
N ILE A 91 4.01 26.75 16.56
CA ILE A 91 4.28 28.19 16.51
C ILE A 91 5.39 28.49 15.51
N LEU A 92 6.44 27.65 15.48
CA LEU A 92 7.59 27.89 14.63
C LEU A 92 7.59 27.03 13.36
N ASP A 93 6.42 26.62 12.89
CA ASP A 93 6.34 25.66 11.79
C ASP A 93 6.78 26.31 10.47
N THR A 94 7.60 25.60 9.70
CA THR A 94 8.08 26.10 8.41
C THR A 94 7.39 25.44 7.22
N THR A 95 6.45 24.52 7.46
CA THR A 95 5.81 23.79 6.39
C THR A 95 5.04 24.75 5.48
N PRO A 96 5.26 24.72 4.16
CA PRO A 96 4.44 25.54 3.25
C PRO A 96 3.03 24.97 3.12
N GLN A 97 2.14 25.76 2.45
CA GLN A 97 0.78 25.38 2.14
C GLN A 97 0.73 24.63 0.80
N PRO A 98 -0.21 23.69 0.65
CA PRO A 98 -0.29 22.95 -0.62
C PRO A 98 -0.55 23.85 -1.83
N ALA A 99 -1.14 25.03 -1.63
CA ALA A 99 -1.41 25.94 -2.73
C ALA A 99 -1.71 27.31 -2.17
N GLN A 100 -1.69 28.31 -3.05
CA GLN A 100 -2.04 29.68 -2.69
C GLN A 100 -2.86 30.30 -3.82
N ASN A 101 -4.03 30.84 -3.49
CA ASN A 101 -4.96 31.35 -4.48
C ASN A 101 -5.43 30.22 -5.38
N ILE A 102 -6.11 30.53 -6.48
CA ILE A 102 -6.64 29.52 -7.40
C ILE A 102 -5.77 29.53 -8.64
N ALA A 103 -5.19 28.38 -8.97
CA ALA A 103 -4.26 28.27 -10.10
C ALA A 103 -5.03 28.36 -11.42
N PRO A 104 -4.50 29.08 -12.40
CA PRO A 104 -5.17 29.12 -13.72
C PRO A 104 -5.30 27.76 -14.39
N SER A 105 -4.40 26.81 -14.09
CA SER A 105 -4.52 25.48 -14.69
C SER A 105 -5.51 24.58 -13.96
N ALA A 106 -6.02 25.00 -12.80
CA ALA A 106 -7.05 24.21 -12.13
C ALA A 106 -8.32 24.19 -12.98
N VAL A 107 -9.02 23.05 -12.97
CA VAL A 107 -10.25 22.86 -13.73
C VAL A 107 -11.38 22.72 -12.72
N ILE A 108 -12.22 23.73 -12.63
CA ILE A 108 -13.23 23.82 -11.56
C ILE A 108 -14.61 23.92 -12.20
N ASP A 109 -15.47 22.95 -11.91
CA ASP A 109 -16.82 23.00 -12.45
C ASP A 109 -17.51 24.27 -12.00
N ALA A 110 -18.34 24.83 -12.89
CA ALA A 110 -18.97 26.11 -12.60
C ALA A 110 -19.98 26.02 -11.46
N THR A 111 -20.49 24.83 -11.15
CA THR A 111 -21.44 24.66 -10.06
C THR A 111 -20.77 24.41 -8.72
N ALA A 112 -19.44 24.33 -8.68
CA ALA A 112 -18.71 24.22 -7.42
C ALA A 112 -18.93 25.47 -6.57
N LYS A 113 -19.17 25.26 -5.28
CA LYS A 113 -19.35 26.35 -4.31
C LYS A 113 -18.07 26.49 -3.50
N LEU A 114 -17.47 27.68 -3.52
CA LEU A 114 -16.22 27.94 -2.81
C LEU A 114 -16.42 29.00 -1.75
N GLY A 115 -15.97 28.70 -0.53
CA GLY A 115 -15.98 29.67 0.55
C GLY A 115 -14.87 30.70 0.40
N ASN A 116 -14.71 31.52 1.44
CA ASN A 116 -13.71 32.57 1.42
C ASN A 116 -12.30 32.00 1.53
N ASN A 117 -11.38 32.57 0.77
CA ASN A 117 -9.96 32.26 0.93
C ASN A 117 -9.69 30.77 0.69
N VAL A 118 -10.31 30.21 -0.35
CA VAL A 118 -10.03 28.85 -0.79
C VAL A 118 -8.85 28.90 -1.76
N SER A 119 -7.87 28.02 -1.56
CA SER A 119 -6.74 27.90 -2.47
C SER A 119 -6.83 26.56 -3.19
N ILE A 120 -6.52 26.58 -4.48
CA ILE A 120 -6.59 25.40 -5.34
C ILE A 120 -5.34 25.36 -6.20
N GLY A 121 -4.57 24.27 -6.10
CA GLY A 121 -3.29 24.18 -6.77
C GLY A 121 -3.41 23.83 -8.24
N ALA A 122 -2.26 23.94 -8.92
CA ALA A 122 -2.18 23.72 -10.35
C ALA A 122 -2.71 22.35 -10.73
N ASN A 123 -3.51 22.32 -11.80
CA ASN A 123 -4.08 21.13 -12.41
C ASN A 123 -4.99 20.31 -11.49
N ALA A 124 -5.42 20.87 -10.37
CA ALA A 124 -6.45 20.21 -9.57
C ALA A 124 -7.75 20.19 -10.36
N VAL A 125 -8.58 19.19 -10.10
CA VAL A 125 -9.84 19.02 -10.82
C VAL A 125 -10.96 18.94 -9.79
N ILE A 126 -11.89 19.90 -9.85
CA ILE A 126 -13.03 19.97 -8.93
C ILE A 126 -14.30 19.74 -9.74
N GLU A 127 -15.09 18.74 -9.32
CA GLU A 127 -16.27 18.31 -10.05
C GLU A 127 -17.48 19.18 -9.70
N SER A 128 -18.59 18.91 -10.39
CA SER A 128 -19.84 19.62 -10.20
C SER A 128 -20.40 19.39 -8.81
N GLY A 129 -21.04 20.42 -8.26
CA GLY A 129 -21.70 20.36 -6.97
C GLY A 129 -20.79 20.34 -5.75
N VAL A 130 -19.48 20.38 -5.91
CA VAL A 130 -18.56 20.31 -4.77
C VAL A 130 -18.69 21.56 -3.93
N GLU A 131 -18.57 21.41 -2.62
CA GLU A 131 -18.54 22.54 -1.70
C GLU A 131 -17.24 22.53 -0.92
N LEU A 132 -16.54 23.65 -0.93
CA LEU A 132 -15.28 23.80 -0.21
C LEU A 132 -15.43 24.95 0.78
N GLY A 133 -15.31 24.62 2.06
CA GLY A 133 -15.49 25.60 3.11
C GLY A 133 -14.43 26.68 3.10
N ASP A 134 -14.64 27.70 3.94
CA ASP A 134 -13.67 28.77 4.09
C ASP A 134 -12.29 28.20 4.40
N ASN A 135 -11.25 28.83 3.84
CA ASN A 135 -9.85 28.51 4.12
C ASN A 135 -9.46 27.09 3.72
N VAL A 136 -10.27 26.37 2.93
CA VAL A 136 -9.86 25.06 2.43
C VAL A 136 -8.73 25.21 1.42
N ILE A 137 -7.76 24.30 1.47
CA ILE A 137 -6.64 24.28 0.54
C ILE A 137 -6.62 22.93 -0.17
N ILE A 138 -6.66 22.96 -1.49
CA ILE A 138 -6.60 21.77 -2.33
C ILE A 138 -5.26 21.80 -3.07
N GLY A 139 -4.46 20.74 -2.92
CA GLY A 139 -3.16 20.71 -3.54
C GLY A 139 -3.19 20.49 -5.05
N ALA A 140 -2.02 20.64 -5.67
CA ALA A 140 -1.87 20.41 -7.09
C ALA A 140 -2.25 18.98 -7.46
N GLY A 141 -2.89 18.83 -8.62
CA GLY A 141 -3.20 17.51 -9.13
C GLY A 141 -4.29 16.75 -8.39
N CYS A 142 -4.95 17.34 -7.40
CA CYS A 142 -6.00 16.59 -6.71
C CYS A 142 -7.23 16.43 -7.59
N PHE A 143 -8.08 15.46 -7.22
CA PHE A 143 -9.40 15.28 -7.82
C PHE A 143 -10.42 15.27 -6.69
N VAL A 144 -11.47 16.08 -6.82
CA VAL A 144 -12.56 16.06 -5.83
C VAL A 144 -13.86 15.79 -6.58
N GLY A 145 -14.52 14.67 -6.27
CA GLY A 145 -15.61 14.18 -7.09
C GLY A 145 -16.96 14.83 -6.78
N LYS A 146 -17.95 14.48 -7.60
CA LYS A 146 -19.22 15.19 -7.61
C LYS A 146 -19.87 15.25 -6.24
N ASN A 147 -20.38 16.44 -5.90
CA ASN A 147 -21.19 16.69 -4.71
C ASN A 147 -20.44 16.45 -3.41
N SER A 148 -19.12 16.30 -3.45
CA SER A 148 -18.39 16.15 -2.21
C SER A 148 -18.25 17.50 -1.49
N LYS A 149 -18.12 17.43 -0.18
CA LYS A 149 -18.11 18.59 0.69
C LYS A 149 -16.89 18.53 1.59
N ILE A 150 -16.11 19.60 1.62
CA ILE A 150 -14.92 19.65 2.45
C ILE A 150 -15.06 20.84 3.39
N GLY A 151 -15.02 20.57 4.70
CA GLY A 151 -15.30 21.59 5.68
C GLY A 151 -14.16 22.59 5.84
N ALA A 152 -14.51 23.71 6.49
CA ALA A 152 -13.61 24.85 6.60
C ALA A 152 -12.29 24.47 7.24
N GLY A 153 -11.19 24.99 6.69
CA GLY A 153 -9.87 24.74 7.23
C GLY A 153 -9.20 23.45 6.79
N SER A 154 -9.89 22.56 6.11
CA SER A 154 -9.28 21.29 5.73
C SER A 154 -8.34 21.48 4.55
N ARG A 155 -7.30 20.64 4.52
CA ARG A 155 -6.23 20.78 3.55
C ARG A 155 -5.88 19.42 2.95
N LEU A 156 -5.73 19.39 1.63
CA LEU A 156 -5.29 18.21 0.89
C LEU A 156 -3.95 18.53 0.23
N TRP A 157 -2.97 17.65 0.43
CA TRP A 157 -1.69 17.83 -0.28
C TRP A 157 -1.88 17.42 -1.74
N ALA A 158 -0.78 17.44 -2.51
CA ALA A 158 -0.87 17.17 -3.95
C ALA A 158 -1.34 15.74 -4.21
N ASN A 159 -2.08 15.59 -5.33
CA ASN A 159 -2.43 14.27 -5.88
C ASN A 159 -3.22 13.40 -4.89
N VAL A 160 -4.19 14.01 -4.21
CA VAL A 160 -5.18 13.29 -3.40
C VAL A 160 -6.42 13.08 -4.26
N THR A 161 -7.07 11.91 -4.11
CA THR A 161 -8.30 11.62 -4.85
C THR A 161 -9.45 11.50 -3.86
N ILE A 162 -10.45 12.35 -4.01
CA ILE A 162 -11.70 12.26 -3.25
C ILE A 162 -12.79 11.90 -4.26
N TYR A 163 -13.52 10.82 -4.01
CA TYR A 163 -14.57 10.42 -4.93
C TYR A 163 -15.81 11.29 -4.68
N HIS A 164 -16.95 10.85 -5.22
CA HIS A 164 -18.20 11.60 -5.15
C HIS A 164 -18.93 11.35 -3.82
N GLU A 165 -19.73 12.35 -3.42
CA GLU A 165 -20.63 12.26 -2.25
C GLU A 165 -19.86 12.03 -0.95
N ILE A 166 -18.61 12.48 -0.88
CA ILE A 166 -17.79 12.32 0.31
C ILE A 166 -17.96 13.55 1.19
N GLN A 167 -18.04 13.35 2.49
CA GLN A 167 -18.12 14.45 3.45
C GLN A 167 -16.89 14.44 4.34
N ILE A 168 -16.19 15.57 4.38
CA ILE A 168 -15.02 15.78 5.23
C ILE A 168 -15.27 17.00 6.09
N GLY A 169 -14.92 16.89 7.38
CA GLY A 169 -15.18 17.92 8.37
C GLY A 169 -14.15 19.03 8.32
N GLN A 170 -14.07 19.78 9.42
CA GLN A 170 -13.20 20.95 9.50
C GLN A 170 -11.81 20.59 9.98
N ASN A 171 -10.81 21.30 9.46
CA ASN A 171 -9.44 21.23 9.96
C ASN A 171 -8.82 19.84 9.81
N CYS A 172 -9.22 19.13 8.76
CA CYS A 172 -8.61 17.86 8.41
C CYS A 172 -7.35 18.08 7.56
N LEU A 173 -6.52 17.05 7.47
CA LEU A 173 -5.32 17.09 6.64
C LEU A 173 -5.11 15.71 6.02
N ILE A 174 -4.98 15.68 4.70
CA ILE A 174 -4.82 14.42 3.97
C ILE A 174 -3.55 14.49 3.14
N GLN A 175 -2.66 13.52 3.32
CA GLN A 175 -1.38 13.51 2.60
C GLN A 175 -1.55 12.91 1.20
N SER A 176 -0.53 13.13 0.36
CA SER A 176 -0.62 12.83 -1.06
C SER A 176 -0.83 11.35 -1.34
N GLY A 177 -1.49 11.07 -2.47
CA GLY A 177 -1.66 9.71 -2.93
C GLY A 177 -2.81 8.98 -2.29
N THR A 178 -3.45 9.56 -1.28
CA THR A 178 -4.55 8.91 -0.59
C THR A 178 -5.81 8.99 -1.44
N VAL A 179 -6.66 7.97 -1.31
CA VAL A 179 -7.88 7.82 -2.08
C VAL A 179 -9.02 7.63 -1.09
N VAL A 180 -9.97 8.57 -1.07
CA VAL A 180 -11.12 8.48 -0.16
C VAL A 180 -12.37 8.24 -0.99
N GLY A 181 -13.05 7.11 -0.76
CA GLY A 181 -14.34 6.90 -1.38
C GLY A 181 -14.39 5.96 -2.56
N ALA A 182 -13.35 5.18 -2.81
CA ALA A 182 -13.41 4.16 -3.86
C ALA A 182 -14.46 3.10 -3.50
N ASP A 183 -14.89 2.36 -4.52
CA ASP A 183 -15.84 1.27 -4.29
C ASP A 183 -15.32 0.28 -3.25
N GLY A 184 -16.16 -0.09 -2.30
CA GLY A 184 -15.86 -1.24 -1.48
C GLY A 184 -15.83 -2.52 -2.30
N PHE A 185 -15.28 -3.56 -1.68
CA PHE A 185 -15.06 -4.85 -2.34
C PHE A 185 -16.31 -5.71 -2.23
N GLY A 186 -17.35 -5.30 -2.95
CA GLY A 186 -18.65 -5.96 -2.81
C GLY A 186 -19.12 -6.61 -4.09
N TYR A 187 -19.35 -7.92 -4.04
CA TYR A 187 -19.74 -8.71 -5.19
C TYR A 187 -20.69 -9.81 -4.74
N ALA A 188 -21.73 -10.05 -5.53
CA ALA A 188 -22.47 -11.31 -5.43
C ALA A 188 -21.83 -12.33 -6.36
N ASN A 189 -22.34 -13.54 -6.32
CA ASN A 189 -21.81 -14.62 -7.15
C ASN A 189 -22.95 -15.30 -7.88
N ASP A 190 -22.87 -15.34 -9.21
CA ASP A 190 -23.90 -15.94 -10.08
C ASP A 190 -23.22 -17.09 -10.84
N ARG A 191 -23.09 -18.23 -10.16
CA ARG A 191 -22.50 -19.44 -10.72
C ARG A 191 -21.03 -19.21 -11.11
N GLY A 192 -20.22 -18.95 -10.09
CA GLY A 192 -18.81 -18.71 -10.29
C GLY A 192 -18.46 -17.35 -10.85
N ASN A 193 -19.44 -16.61 -11.39
CA ASN A 193 -19.19 -15.29 -11.96
C ASN A 193 -19.45 -14.20 -10.92
N TRP A 194 -18.47 -13.33 -10.70
CA TRP A 194 -18.65 -12.24 -9.77
C TRP A 194 -19.58 -11.19 -10.37
N VAL A 195 -20.54 -10.72 -9.57
CA VAL A 195 -21.51 -9.71 -9.98
C VAL A 195 -21.29 -8.49 -9.10
N LYS A 196 -20.94 -7.36 -9.72
CA LYS A 196 -20.62 -6.19 -8.94
C LYS A 196 -21.84 -5.66 -8.20
N ILE A 197 -21.65 -5.33 -6.93
CA ILE A 197 -22.65 -4.60 -6.15
C ILE A 197 -22.24 -3.15 -6.16
N PRO A 198 -22.96 -2.25 -6.85
CA PRO A 198 -22.63 -0.83 -6.77
C PRO A 198 -22.58 -0.40 -5.30
N GLN A 199 -21.59 0.43 -4.99
CA GLN A 199 -21.35 0.84 -3.61
C GLN A 199 -21.83 2.27 -3.51
N ILE A 200 -23.05 2.45 -3.03
CA ILE A 200 -23.71 3.74 -3.10
C ILE A 200 -23.82 4.41 -1.74
N GLY A 201 -23.23 3.82 -0.71
CA GLY A 201 -22.94 4.53 0.51
C GLY A 201 -21.84 5.55 0.28
N ARG A 202 -21.40 6.18 1.38
CA ARG A 202 -20.46 7.28 1.33
C ARG A 202 -19.27 7.08 2.27
N VAL A 203 -18.41 8.10 2.40
CA VAL A 203 -17.49 8.20 3.52
C VAL A 203 -17.83 9.51 4.23
N ILE A 204 -18.02 9.44 5.55
CA ILE A 204 -18.15 10.61 6.40
C ILE A 204 -16.91 10.67 7.27
N ILE A 205 -16.12 11.72 7.10
CA ILE A 205 -14.93 11.98 7.90
C ILE A 205 -15.22 13.16 8.82
N GLY A 206 -14.93 13.00 10.11
CA GLY A 206 -15.23 14.00 11.10
C GLY A 206 -14.27 15.19 11.06
N ASP A 207 -14.22 15.93 12.17
CA ASP A 207 -13.34 17.09 12.26
C ASP A 207 -11.97 16.68 12.79
N ARG A 208 -10.94 17.43 12.37
CA ARG A 208 -9.58 17.27 12.92
C ARG A 208 -9.02 15.86 12.64
N VAL A 209 -9.35 15.28 11.49
CA VAL A 209 -8.85 13.97 11.11
C VAL A 209 -7.59 14.17 10.27
N GLU A 210 -6.54 13.41 10.57
CA GLU A 210 -5.34 13.42 9.75
C GLU A 210 -5.14 12.06 9.12
N ILE A 211 -4.98 12.04 7.79
CA ILE A 211 -4.81 10.80 7.04
C ILE A 211 -3.48 10.86 6.31
N GLY A 212 -2.74 9.74 6.36
CA GLY A 212 -1.43 9.64 5.76
C GLY A 212 -1.47 9.49 4.25
N ALA A 213 -0.32 9.10 3.71
CA ALA A 213 -0.12 9.01 2.28
C ALA A 213 -0.42 7.61 1.76
N CYS A 214 -0.99 7.55 0.56
CA CYS A 214 -1.31 6.27 -0.10
C CYS A 214 -2.15 5.37 0.80
N THR A 215 -3.04 5.99 1.57
CA THR A 215 -4.05 5.25 2.33
C THR A 215 -5.35 5.23 1.52
N THR A 216 -6.13 4.15 1.67
CA THR A 216 -7.37 4.02 0.93
C THR A 216 -8.50 3.82 1.92
N ILE A 217 -9.58 4.56 1.73
CA ILE A 217 -10.75 4.50 2.60
C ILE A 217 -11.95 4.30 1.70
N ASP A 218 -12.54 3.11 1.71
CA ASP A 218 -13.61 2.81 0.77
C ASP A 218 -14.95 3.35 1.27
N ARG A 219 -15.80 3.71 0.31
CA ARG A 219 -17.18 4.10 0.59
C ARG A 219 -18.03 2.88 0.99
N GLY A 220 -19.14 3.14 1.71
CA GLY A 220 -20.01 2.06 2.13
C GLY A 220 -20.89 1.53 1.02
N ALA A 221 -21.44 0.34 1.26
CA ALA A 221 -22.25 -0.30 0.23
C ALA A 221 -23.62 0.36 0.10
N LEU A 222 -24.25 0.70 1.23
CA LEU A 222 -25.55 1.37 1.27
C LEU A 222 -25.51 2.48 2.32
N ASP A 223 -25.17 2.12 3.54
CA ASP A 223 -24.87 3.10 4.57
C ASP A 223 -23.38 3.42 4.50
N ASP A 224 -22.83 4.17 5.47
CA ASP A 224 -21.57 4.86 5.25
C ASP A 224 -20.40 4.27 6.00
N THR A 225 -19.20 4.46 5.43
CA THR A 225 -17.95 4.33 6.18
C THR A 225 -17.77 5.59 7.00
N ILE A 226 -17.45 5.46 8.30
CA ILE A 226 -17.44 6.62 9.19
C ILE A 226 -16.11 6.70 9.92
N ILE A 227 -15.43 7.85 9.82
CA ILE A 227 -14.20 8.12 10.54
C ILE A 227 -14.50 9.21 11.56
N GLY A 228 -14.32 8.89 12.85
CA GLY A 228 -14.67 9.81 13.93
C GLY A 228 -13.76 11.02 14.00
N ASN A 229 -14.13 11.95 14.89
CA ASN A 229 -13.35 13.17 15.07
C ASN A 229 -12.01 12.86 15.72
N GLY A 230 -11.00 13.61 15.31
CA GLY A 230 -9.70 13.52 15.96
C GLY A 230 -8.92 12.24 15.67
N VAL A 231 -9.44 11.39 14.79
CA VAL A 231 -8.73 10.18 14.38
C VAL A 231 -7.47 10.53 13.59
N ILE A 232 -6.40 9.76 13.81
CA ILE A 232 -5.19 9.87 13.00
C ILE A 232 -4.91 8.51 12.38
N ILE A 233 -4.61 8.51 11.08
CA ILE A 233 -4.39 7.31 10.28
C ILE A 233 -3.11 7.53 9.49
N ASP A 234 -2.21 6.56 9.53
CA ASP A 234 -0.86 6.67 8.97
C ASP A 234 -0.90 6.30 7.48
N ASN A 235 0.26 6.03 6.87
CA ASN A 235 0.39 5.69 5.44
C ASN A 235 -0.01 4.24 5.16
N GLN A 236 -0.36 3.97 3.89
CA GLN A 236 -0.56 2.60 3.39
C GLN A 236 -1.65 1.82 4.11
N CYS A 237 -2.58 2.48 4.79
CA CYS A 237 -3.65 1.77 5.46
C CYS A 237 -4.80 1.51 4.49
N GLN A 238 -5.57 0.44 4.76
CA GLN A 238 -6.77 0.12 3.99
C GLN A 238 -7.93 0.05 4.97
N ILE A 239 -8.91 0.92 4.78
CA ILE A 239 -10.12 0.95 5.59
C ILE A 239 -11.26 0.53 4.67
N ALA A 240 -11.86 -0.61 4.95
CA ALA A 240 -12.80 -1.21 4.01
C ALA A 240 -14.17 -0.56 4.16
N HIS A 241 -15.09 -0.97 3.28
CA HIS A 241 -16.43 -0.39 3.30
C HIS A 241 -17.15 -0.66 4.61
N ASN A 242 -17.87 0.35 5.06
CA ASN A 242 -18.72 0.31 6.25
C ASN A 242 -17.94 0.11 7.54
N VAL A 243 -16.63 0.36 7.54
CA VAL A 243 -15.89 0.45 8.78
C VAL A 243 -16.31 1.71 9.51
N VAL A 244 -16.37 1.62 10.84
CA VAL A 244 -16.63 2.77 11.71
C VAL A 244 -15.50 2.88 12.72
N ILE A 245 -14.88 4.06 12.81
CA ILE A 245 -13.76 4.28 13.71
C ILE A 245 -14.14 5.39 14.68
N GLY A 246 -14.04 5.09 15.97
CA GLY A 246 -14.46 6.03 17.00
C GLY A 246 -13.47 7.17 17.21
N ASP A 247 -13.95 8.23 17.83
CA ASP A 247 -13.18 9.46 18.01
C ASP A 247 -11.83 9.20 18.68
N ASN A 248 -10.79 9.88 18.19
CA ASN A 248 -9.45 9.94 18.76
C ASN A 248 -8.67 8.62 18.66
N THR A 249 -9.14 7.69 17.87
CA THR A 249 -8.38 6.46 17.65
C THR A 249 -7.21 6.72 16.69
N ALA A 250 -6.10 6.04 16.94
CA ALA A 250 -4.89 6.15 16.13
C ALA A 250 -4.61 4.83 15.42
N VAL A 251 -4.35 4.90 14.12
CA VAL A 251 -4.07 3.74 13.29
C VAL A 251 -2.70 3.93 12.63
N ALA A 252 -1.76 3.06 12.94
CA ALA A 252 -0.40 3.24 12.43
C ALA A 252 -0.28 2.64 11.02
N GLY A 253 0.92 2.73 10.44
CA GLY A 253 1.07 2.48 9.00
C GLY A 253 0.79 1.03 8.60
N GLY A 254 0.24 0.88 7.39
CA GLY A 254 0.05 -0.44 6.78
C GLY A 254 -0.99 -1.32 7.44
N VAL A 255 -1.88 -0.76 8.27
CA VAL A 255 -2.94 -1.55 8.87
C VAL A 255 -4.01 -1.86 7.82
N ILE A 256 -4.50 -3.10 7.82
CA ILE A 256 -5.56 -3.53 6.90
C ILE A 256 -6.78 -3.86 7.75
N MET A 257 -7.91 -3.21 7.45
CA MET A 257 -9.17 -3.45 8.14
C MET A 257 -10.22 -3.96 7.15
N ALA A 258 -10.91 -5.03 7.53
CA ALA A 258 -11.91 -5.63 6.67
C ALA A 258 -13.27 -4.97 6.90
N GLY A 259 -14.23 -5.31 6.05
CA GLY A 259 -15.48 -4.58 6.02
C GLY A 259 -16.30 -4.72 7.29
N SER A 260 -17.00 -3.63 7.64
CA SER A 260 -17.95 -3.59 8.74
C SER A 260 -17.32 -3.82 10.10
N LEU A 261 -16.02 -3.62 10.22
CA LEU A 261 -15.40 -3.53 11.53
C LEU A 261 -15.86 -2.26 12.23
N LYS A 262 -16.07 -2.34 13.54
CA LYS A 262 -16.33 -1.17 14.37
C LYS A 262 -15.23 -1.08 15.41
N ILE A 263 -14.53 0.04 15.44
CA ILE A 263 -13.47 0.31 16.40
C ILE A 263 -13.93 1.44 17.29
N GLY A 264 -13.72 1.29 18.61
CA GLY A 264 -14.14 2.28 19.58
C GLY A 264 -13.24 3.52 19.61
N ARG A 265 -13.42 4.31 20.66
CA ARG A 265 -12.66 5.53 20.87
C ARG A 265 -11.34 5.24 21.57
N TYR A 266 -10.35 6.09 21.30
CA TYR A 266 -9.08 6.07 22.02
C TYR A 266 -8.35 4.74 21.85
N CYS A 267 -8.57 4.07 20.73
CA CYS A 267 -7.79 2.87 20.48
C CYS A 267 -6.46 3.23 19.82
N MET A 268 -5.53 2.27 19.84
CA MET A 268 -4.22 2.41 19.23
C MET A 268 -3.93 1.12 18.48
N ILE A 269 -3.90 1.19 17.14
CA ILE A 269 -3.71 0.00 16.32
C ILE A 269 -2.30 0.06 15.74
N GLY A 270 -1.46 -0.90 16.15
CA GLY A 270 -0.06 -0.90 15.74
C GLY A 270 0.12 -1.24 14.27
N GLY A 271 1.26 -0.81 13.73
CA GLY A 271 1.49 -0.90 12.29
C GLY A 271 1.43 -2.34 11.80
N ALA A 272 0.89 -2.50 10.59
CA ALA A 272 0.80 -3.76 9.86
C ALA A 272 -0.11 -4.78 10.54
N SER A 273 -0.93 -4.34 11.50
CA SER A 273 -1.97 -5.23 12.01
C SER A 273 -2.99 -5.54 10.93
N VAL A 274 -3.74 -6.61 11.15
CA VAL A 274 -4.76 -7.07 10.21
C VAL A 274 -6.01 -7.30 11.05
N ILE A 275 -7.05 -6.51 10.81
CA ILE A 275 -8.27 -6.58 11.64
C ILE A 275 -9.42 -7.09 10.80
N ASN A 276 -9.95 -8.24 11.18
CA ASN A 276 -11.06 -8.81 10.45
C ASN A 276 -12.34 -8.03 10.73
N GLY A 277 -13.39 -8.33 9.95
CA GLY A 277 -14.57 -7.51 9.91
C GLY A 277 -15.77 -8.12 10.62
N HIS A 278 -16.90 -7.43 10.47
CA HIS A 278 -18.16 -7.85 11.10
C HIS A 278 -17.95 -8.16 12.58
N MET A 279 -17.24 -7.29 13.26
CA MET A 279 -16.99 -7.48 14.67
C MET A 279 -16.64 -6.11 15.24
N GLU A 280 -16.54 -6.05 16.57
CA GLU A 280 -16.33 -4.78 17.24
C GLU A 280 -15.13 -4.87 18.17
N ILE A 281 -14.42 -3.75 18.28
CA ILE A 281 -13.35 -3.56 19.24
C ILE A 281 -13.77 -2.42 20.15
N CYS A 282 -13.75 -2.65 21.47
CA CYS A 282 -14.23 -1.67 22.43
C CYS A 282 -13.24 -0.51 22.60
N ASP A 283 -13.66 0.51 23.34
CA ASP A 283 -12.79 1.67 23.58
C ASP A 283 -11.51 1.25 24.30
N LYS A 284 -10.44 2.02 24.06
CA LYS A 284 -9.22 1.96 24.86
C LYS A 284 -8.50 0.62 24.71
N VAL A 285 -8.51 0.08 23.49
CA VAL A 285 -7.77 -1.13 23.14
C VAL A 285 -6.53 -0.74 22.36
N THR A 286 -5.39 -1.31 22.75
CA THR A 286 -4.15 -1.24 21.99
C THR A 286 -3.86 -2.60 21.37
N VAL A 287 -3.63 -2.63 20.06
CA VAL A 287 -3.15 -3.82 19.36
C VAL A 287 -1.72 -3.54 18.96
N THR A 288 -0.79 -4.40 19.38
CA THR A 288 0.61 -4.16 19.02
C THR A 288 0.85 -4.51 17.55
N GLY A 289 1.99 -4.05 17.03
CA GLY A 289 2.29 -4.21 15.61
C GLY A 289 2.13 -5.62 15.08
N MET A 290 1.59 -5.74 13.87
CA MET A 290 1.39 -6.99 13.17
C MET A 290 0.35 -7.87 13.85
N GLY A 291 -0.50 -7.29 14.69
CA GLY A 291 -1.49 -8.09 15.38
C GLY A 291 -2.47 -8.72 14.40
N MET A 292 -2.82 -9.99 14.66
CA MET A 292 -3.76 -10.74 13.83
C MET A 292 -5.08 -10.82 14.58
N VAL A 293 -6.01 -9.92 14.27
CA VAL A 293 -7.21 -9.76 15.05
C VAL A 293 -8.34 -10.50 14.36
N MET A 294 -8.74 -11.63 14.93
CA MET A 294 -9.78 -12.47 14.36
C MET A 294 -11.09 -12.43 15.13
N ARG A 295 -11.04 -12.05 16.41
CA ARG A 295 -12.22 -12.10 17.27
C ARG A 295 -12.52 -10.71 17.83
N PRO A 296 -13.76 -10.45 18.21
CA PRO A 296 -14.09 -9.19 18.88
C PRO A 296 -13.26 -9.00 20.13
N ILE A 297 -13.01 -7.74 20.48
CA ILE A 297 -12.28 -7.37 21.69
C ILE A 297 -13.23 -6.56 22.58
N THR A 298 -13.53 -7.09 23.76
CA THR A 298 -14.57 -6.53 24.62
C THR A 298 -14.04 -5.91 25.90
N GLU A 299 -12.75 -6.08 26.21
CA GLU A 299 -12.15 -5.47 27.38
C GLU A 299 -11.00 -4.57 26.97
N PRO A 300 -10.88 -3.38 27.55
CA PRO A 300 -9.75 -2.52 27.24
C PRO A 300 -8.44 -3.18 27.68
N GLY A 301 -7.35 -2.76 27.07
CA GLY A 301 -6.04 -3.31 27.39
C GLY A 301 -5.19 -3.46 26.15
N VAL A 302 -4.04 -4.12 26.33
CA VAL A 302 -3.06 -4.34 25.27
C VAL A 302 -3.15 -5.79 24.80
N TYR A 303 -3.20 -5.99 23.49
CA TYR A 303 -3.32 -7.32 22.90
C TYR A 303 -2.22 -7.49 21.86
N SER A 304 -1.73 -8.72 21.69
CA SER A 304 -0.59 -8.98 20.82
C SER A 304 -0.70 -10.36 20.17
N SER A 305 0.02 -10.53 19.05
CA SER A 305 0.10 -11.84 18.41
C SER A 305 1.42 -11.95 17.65
N GLY A 306 1.76 -13.17 17.27
CA GLY A 306 2.91 -13.40 16.40
C GLY A 306 4.10 -14.00 17.14
N ILE A 307 4.83 -14.86 16.46
CA ILE A 307 6.06 -15.43 17.00
C ILE A 307 7.25 -14.63 16.45
N PRO A 308 8.05 -13.99 17.28
CA PRO A 308 9.09 -13.07 16.80
C PRO A 308 10.25 -13.77 16.10
N LEU A 309 11.09 -12.92 15.52
CA LEU A 309 12.26 -13.32 14.75
C LEU A 309 13.22 -14.21 15.54
N GLN A 310 13.82 -15.16 14.84
CA GLN A 310 14.90 -15.98 15.35
C GLN A 310 15.95 -16.12 14.26
N PRO A 311 17.19 -16.50 14.62
CA PRO A 311 18.16 -16.90 13.60
C PRO A 311 17.53 -17.97 12.72
N ASN A 312 17.86 -17.94 11.43
CA ASN A 312 17.17 -18.83 10.51
C ASN A 312 17.33 -20.30 10.90
N LYS A 313 18.52 -20.71 11.34
CA LYS A 313 18.72 -22.11 11.71
C LYS A 313 17.75 -22.51 12.82
N VAL A 314 17.51 -21.61 13.77
CA VAL A 314 16.61 -21.87 14.88
C VAL A 314 15.16 -21.85 14.43
N TRP A 315 14.81 -20.87 13.58
CA TRP A 315 13.43 -20.76 13.10
C TRP A 315 13.01 -22.04 12.38
N ARG A 316 13.90 -22.63 11.58
CA ARG A 316 13.52 -23.84 10.85
C ARG A 316 13.03 -24.92 11.81
N LYS A 317 13.73 -25.10 12.93
CA LYS A 317 13.33 -26.08 13.94
C LYS A 317 12.05 -25.65 14.67
N THR A 318 11.97 -24.38 15.09
CA THR A 318 10.77 -23.84 15.73
C THR A 318 9.54 -24.08 14.87
N ALA A 319 9.62 -23.71 13.59
CA ALA A 319 8.44 -23.81 12.73
C ALA A 319 8.05 -25.26 12.50
N ALA A 320 9.04 -26.15 12.29
CA ALA A 320 8.73 -27.55 12.07
C ALA A 320 8.02 -28.16 13.29
N LEU A 321 8.50 -27.84 14.50
CA LEU A 321 7.90 -28.37 15.73
C LEU A 321 6.49 -27.81 15.93
N VAL A 322 6.30 -26.52 15.66
CA VAL A 322 4.97 -25.94 15.84
C VAL A 322 4.00 -26.58 14.86
N MET A 323 4.42 -26.76 13.60
CA MET A 323 3.49 -27.31 12.63
C MET A 323 3.10 -28.74 12.99
N ASN A 324 3.94 -29.45 13.75
CA ASN A 324 3.62 -30.79 14.21
C ASN A 324 3.19 -30.81 15.67
N ILE A 325 2.66 -29.70 16.19
CA ILE A 325 2.38 -29.64 17.62
C ILE A 325 1.22 -30.55 18.00
N ASP A 326 0.33 -30.90 17.06
CA ASP A 326 -0.73 -31.86 17.39
C ASP A 326 -0.14 -33.23 17.74
N ASP A 327 0.95 -33.62 17.08
CA ASP A 327 1.58 -34.89 17.42
C ASP A 327 2.24 -34.83 18.79
N MET A 328 2.87 -33.70 19.12
CA MET A 328 3.40 -33.50 20.47
C MET A 328 2.28 -33.60 21.49
N SER A 329 1.16 -32.94 21.23
CA SER A 329 0.02 -33.00 22.14
C SER A 329 -0.43 -34.44 22.36
N LYS A 330 -0.57 -35.21 21.28
CA LYS A 330 -0.99 -36.61 21.40
C LYS A 330 0.02 -37.43 22.19
N ARG A 331 1.32 -37.20 21.95
CA ARG A 331 2.32 -37.97 22.69
C ARG A 331 2.29 -37.62 24.17
N LEU A 332 2.06 -36.35 24.50
CA LEU A 332 1.91 -35.97 25.91
C LEU A 332 0.72 -36.67 26.54
N LYS A 333 -0.43 -36.70 25.84
CA LYS A 333 -1.60 -37.37 26.38
C LYS A 333 -1.32 -38.87 26.56
N SER A 334 -0.64 -39.48 25.60
CA SER A 334 -0.34 -40.91 25.74
C SER A 334 0.55 -41.16 26.96
N LEU A 335 1.54 -40.29 27.17
CA LEU A 335 2.45 -40.46 28.30
C LEU A 335 1.72 -40.28 29.63
N GLU A 336 0.82 -39.29 29.72
CA GLU A 336 0.00 -39.14 30.90
C GLU A 336 -0.80 -40.40 31.18
N ARG A 337 -1.39 -40.98 30.13
CA ARG A 337 -2.18 -42.20 30.30
C ARG A 337 -1.32 -43.35 30.81
N LYS A 338 -0.11 -43.50 30.25
CA LYS A 338 0.77 -44.60 30.66
C LYS A 338 1.24 -44.44 32.10
N VAL A 339 1.59 -43.22 32.50
CA VAL A 339 2.09 -42.96 33.84
C VAL A 339 0.97 -43.05 34.88
N GLY B 4 -33.85 8.03 -13.58
CA GLY B 4 -33.45 6.83 -12.86
C GLY B 4 -34.66 6.10 -12.25
N SER B 5 -35.73 6.85 -11.96
CA SER B 5 -36.90 6.26 -11.33
C SER B 5 -37.57 5.24 -12.24
N ILE B 6 -38.20 4.24 -11.62
CA ILE B 6 -38.81 3.13 -12.36
C ILE B 6 -40.05 2.69 -11.61
N ARG B 7 -41.08 2.28 -12.37
CA ARG B 7 -42.27 1.70 -11.75
C ARG B 7 -41.95 0.33 -11.18
N LEU B 8 -42.52 0.04 -10.01
CA LEU B 8 -42.22 -1.22 -9.34
C LEU B 8 -42.51 -2.41 -10.23
N ALA B 9 -43.63 -2.36 -10.98
CA ALA B 9 -43.97 -3.45 -11.90
C ALA B 9 -42.88 -3.65 -12.95
N ASP B 10 -42.38 -2.55 -13.52
CA ASP B 10 -41.32 -2.67 -14.51
C ASP B 10 -40.03 -3.21 -13.88
N LEU B 11 -39.70 -2.75 -12.68
CA LEU B 11 -38.52 -3.30 -11.99
C LEU B 11 -38.68 -4.79 -11.71
N ALA B 12 -39.86 -5.21 -11.25
CA ALA B 12 -40.08 -6.62 -10.98
C ALA B 12 -39.86 -7.46 -12.23
N GLN B 13 -40.37 -7.00 -13.37
CA GLN B 13 -40.17 -7.73 -14.62
C GLN B 13 -38.69 -7.87 -14.95
N GLN B 14 -37.94 -6.78 -14.84
CA GLN B 14 -36.51 -6.84 -15.16
C GLN B 14 -35.74 -7.76 -14.23
N LEU B 15 -36.20 -7.90 -12.98
CA LEU B 15 -35.55 -8.79 -12.03
C LEU B 15 -36.10 -10.20 -12.07
N ASP B 16 -37.11 -10.44 -12.91
CA ASP B 16 -37.81 -11.73 -12.94
C ASP B 16 -38.34 -12.08 -11.54
N ALA B 17 -38.95 -11.09 -10.90
CA ALA B 17 -39.50 -11.24 -9.56
C ALA B 17 -41.02 -11.27 -9.61
N GLU B 18 -41.62 -11.98 -8.65
CA GLU B 18 -43.07 -11.99 -8.51
C GLU B 18 -43.50 -10.80 -7.66
N LEU B 19 -44.28 -9.90 -8.24
CA LEU B 19 -44.76 -8.74 -7.51
C LEU B 19 -45.99 -9.09 -6.67
N HIS B 20 -45.96 -8.68 -5.41
CA HIS B 20 -47.13 -8.67 -4.53
C HIS B 20 -47.27 -7.25 -4.02
N GLY B 21 -48.24 -6.50 -4.54
CA GLY B 21 -48.45 -5.12 -4.16
C GLY B 21 -48.66 -4.26 -5.38
N ASP B 22 -48.58 -2.95 -5.17
CA ASP B 22 -49.00 -1.97 -6.16
C ASP B 22 -47.86 -1.73 -7.17
N GLY B 23 -48.04 -2.26 -8.38
CA GLY B 23 -47.04 -2.10 -9.42
C GLY B 23 -46.79 -0.67 -9.85
N ASP B 24 -47.68 0.25 -9.48
CA ASP B 24 -47.51 1.65 -9.89
C ASP B 24 -46.62 2.45 -8.96
N ILE B 25 -46.17 1.86 -7.84
CA ILE B 25 -45.25 2.55 -6.97
C ILE B 25 -43.99 2.94 -7.74
N VAL B 26 -43.48 4.13 -7.49
CA VAL B 26 -42.30 4.66 -8.18
C VAL B 26 -41.10 4.46 -7.28
N ILE B 27 -40.14 3.65 -7.72
CA ILE B 27 -38.92 3.38 -6.99
C ILE B 27 -37.84 4.31 -7.51
N THR B 28 -37.17 5.02 -6.60
CA THR B 28 -36.12 5.97 -6.96
C THR B 28 -34.73 5.53 -6.55
N GLY B 29 -34.59 4.48 -5.74
CA GLY B 29 -33.26 4.04 -5.34
C GLY B 29 -33.33 2.86 -4.40
N VAL B 30 -32.14 2.35 -4.08
CA VAL B 30 -31.98 1.24 -3.13
C VAL B 30 -31.46 1.82 -1.82
N ALA B 31 -31.86 1.19 -0.71
CA ALA B 31 -31.37 1.59 0.60
C ALA B 31 -31.36 0.37 1.52
N SER B 32 -30.59 0.48 2.59
CA SER B 32 -30.62 -0.54 3.62
C SER B 32 -31.99 -0.57 4.30
N MET B 33 -32.29 -1.68 4.98
CA MET B 33 -33.57 -1.76 5.67
C MET B 33 -33.69 -0.63 6.69
N GLN B 34 -32.61 -0.32 7.41
CA GLN B 34 -32.69 0.68 8.47
C GLN B 34 -32.88 2.10 7.93
N SER B 35 -32.36 2.41 6.76
CA SER B 35 -32.38 3.77 6.23
C SER B 35 -33.46 4.01 5.18
N ALA B 36 -34.13 2.95 4.72
CA ALA B 36 -35.01 3.08 3.56
C ALA B 36 -36.21 3.97 3.87
N GLN B 37 -36.57 4.82 2.90
CA GLN B 37 -37.73 5.69 3.02
C GLN B 37 -38.62 5.53 1.80
N THR B 38 -39.73 6.27 1.78
CA THR B 38 -40.65 6.20 0.65
C THR B 38 -39.88 6.35 -0.66
N GLY B 39 -40.25 5.53 -1.65
CA GLY B 39 -39.56 5.52 -2.92
C GLY B 39 -38.37 4.58 -2.97
N HIS B 40 -37.89 4.08 -1.83
CA HIS B 40 -36.75 3.18 -1.81
C HIS B 40 -37.21 1.73 -1.89
N ILE B 41 -36.41 0.90 -2.55
CA ILE B 41 -36.57 -0.54 -2.46
C ILE B 41 -35.43 -1.07 -1.60
N THR B 42 -35.72 -2.07 -0.77
CA THR B 42 -34.66 -2.70 0.00
C THR B 42 -34.82 -4.21 -0.11
N PHE B 43 -34.10 -4.97 0.70
CA PHE B 43 -34.12 -6.43 0.60
C PHE B 43 -33.90 -7.02 1.97
N MET B 44 -34.34 -8.27 2.13
CA MET B 44 -34.18 -9.00 3.39
C MET B 44 -33.55 -10.35 3.10
N VAL B 45 -32.40 -10.60 3.69
CA VAL B 45 -31.76 -11.90 3.61
C VAL B 45 -31.87 -12.69 4.91
N ASN B 46 -32.09 -12.02 6.06
CA ASN B 46 -32.06 -12.67 7.36
C ASN B 46 -33.48 -12.73 7.92
N PRO B 47 -34.09 -13.91 8.00
CA PRO B 47 -35.48 -14.00 8.48
C PRO B 47 -35.68 -13.53 9.91
N LYS B 48 -34.61 -13.29 10.66
CA LYS B 48 -34.79 -12.67 11.97
C LYS B 48 -35.45 -11.30 11.87
N TYR B 49 -35.34 -10.62 10.73
CA TYR B 49 -35.94 -9.30 10.62
C TYR B 49 -37.41 -9.35 10.21
N ARG B 50 -38.02 -10.53 10.10
CA ARG B 50 -39.43 -10.56 9.73
C ARG B 50 -40.29 -9.73 10.68
N GLU B 51 -40.04 -9.90 11.98
CA GLU B 51 -40.79 -9.16 13.00
C GLU B 51 -40.50 -7.66 12.97
N HIS B 52 -39.45 -7.26 12.25
CA HIS B 52 -38.99 -5.87 12.16
C HIS B 52 -39.48 -5.14 10.91
N LEU B 53 -40.19 -5.83 10.01
CA LEU B 53 -40.54 -5.21 8.72
C LEU B 53 -41.54 -4.07 8.89
N GLY B 54 -42.34 -4.08 9.96
CA GLY B 54 -43.25 -2.96 10.22
C GLY B 54 -42.51 -1.69 10.61
N LEU B 55 -41.22 -1.79 10.95
CA LEU B 55 -40.40 -0.62 11.22
C LEU B 55 -39.69 -0.11 9.98
N CYS B 56 -39.61 -0.92 8.93
CA CYS B 56 -38.96 -0.53 7.69
C CYS B 56 -39.89 0.34 6.86
N GLN B 57 -39.41 1.51 6.41
CA GLN B 57 -40.29 2.39 5.67
C GLN B 57 -39.97 2.43 4.17
N ALA B 58 -39.33 1.38 3.65
CA ALA B 58 -39.17 1.22 2.21
C ALA B 58 -40.53 1.11 1.52
N SER B 59 -40.60 1.57 0.26
CA SER B 59 -41.81 1.33 -0.52
C SER B 59 -41.95 -0.13 -0.98
N ALA B 60 -40.85 -0.88 -1.03
CA ALA B 60 -40.91 -2.27 -1.45
C ALA B 60 -39.75 -3.04 -0.84
N VAL B 61 -39.95 -4.35 -0.62
CA VAL B 61 -38.92 -5.20 -0.03
C VAL B 61 -38.77 -6.48 -0.87
N VAL B 62 -37.53 -6.78 -1.26
CA VAL B 62 -37.20 -8.04 -1.94
C VAL B 62 -37.02 -9.13 -0.88
N MET B 63 -37.71 -10.26 -1.06
CA MET B 63 -37.70 -11.32 -0.04
C MET B 63 -38.02 -12.65 -0.72
N THR B 64 -38.01 -13.73 0.07
CA THR B 64 -38.36 -15.05 -0.45
C THR B 64 -39.84 -15.35 -0.23
N GLN B 65 -40.29 -16.45 -0.84
CA GLN B 65 -41.67 -16.89 -0.65
C GLN B 65 -41.98 -17.13 0.82
N ASP B 66 -41.03 -17.72 1.56
CA ASP B 66 -41.24 -18.01 2.97
C ASP B 66 -41.39 -16.76 3.81
N ASP B 67 -40.80 -15.65 3.36
CA ASP B 67 -40.93 -14.35 4.01
C ASP B 67 -42.27 -13.68 3.76
N LEU B 68 -42.94 -14.02 2.65
CA LEU B 68 -44.06 -13.20 2.17
C LEU B 68 -45.19 -13.03 3.20
N PRO B 69 -45.52 -14.02 4.04
CA PRO B 69 -46.59 -13.78 5.02
C PRO B 69 -46.25 -12.70 6.03
N PHE B 70 -44.97 -12.36 6.16
CA PHE B 70 -44.50 -11.36 7.12
C PHE B 70 -44.40 -9.96 6.53
N ALA B 71 -44.72 -9.78 5.25
CA ALA B 71 -44.52 -8.49 4.60
C ALA B 71 -45.46 -7.43 5.19
N LYS B 72 -44.96 -6.20 5.27
CA LYS B 72 -45.76 -5.03 5.62
C LYS B 72 -45.50 -3.93 4.61
N SER B 73 -45.50 -4.29 3.33
CA SER B 73 -45.19 -3.42 2.21
C SER B 73 -45.36 -4.25 0.95
N ALA B 74 -45.34 -3.57 -0.19
CA ALA B 74 -45.16 -4.28 -1.45
C ALA B 74 -43.93 -5.18 -1.36
N ALA B 75 -44.00 -6.38 -1.94
CA ALA B 75 -42.90 -7.33 -1.88
C ALA B 75 -42.58 -7.84 -3.28
N LEU B 76 -41.29 -8.00 -3.57
CA LEU B 76 -40.82 -8.72 -4.76
C LEU B 76 -40.29 -10.06 -4.27
N VAL B 77 -40.91 -11.15 -4.72
CA VAL B 77 -40.54 -12.48 -4.25
C VAL B 77 -39.59 -13.11 -5.26
N VAL B 78 -38.46 -13.61 -4.77
CA VAL B 78 -37.42 -14.21 -5.61
C VAL B 78 -36.80 -15.36 -4.83
N LYS B 79 -36.03 -16.18 -5.54
CA LYS B 79 -35.30 -17.27 -4.89
C LYS B 79 -34.07 -16.77 -4.15
N ASN B 80 -33.43 -15.70 -4.63
CA ASN B 80 -32.13 -15.28 -4.14
C ASN B 80 -32.15 -13.77 -3.91
N PRO B 81 -32.60 -13.33 -2.74
CA PRO B 81 -32.66 -11.87 -2.50
C PRO B 81 -31.31 -11.17 -2.63
N TYR B 82 -30.21 -11.81 -2.22
CA TYR B 82 -28.91 -11.14 -2.31
C TYR B 82 -28.51 -10.88 -3.76
N LEU B 83 -28.70 -11.86 -4.65
CA LEU B 83 -28.35 -11.65 -6.05
C LEU B 83 -29.28 -10.65 -6.71
N THR B 84 -30.58 -10.72 -6.39
CA THR B 84 -31.55 -9.74 -6.88
C THR B 84 -31.17 -8.33 -6.43
N TYR B 85 -30.68 -8.21 -5.19
CA TYR B 85 -30.20 -6.92 -4.71
C TYR B 85 -29.05 -6.41 -5.57
N ALA B 86 -28.06 -7.26 -5.85
CA ALA B 86 -26.98 -6.83 -6.74
C ALA B 86 -27.53 -6.33 -8.06
N ARG B 87 -28.48 -7.07 -8.65
CA ARG B 87 -29.00 -6.70 -9.97
CA ARG B 87 -28.99 -6.69 -9.97
C ARG B 87 -29.80 -5.40 -9.92
N MET B 88 -30.60 -5.22 -8.85
CA MET B 88 -31.42 -4.01 -8.79
C MET B 88 -30.58 -2.79 -8.43
N ALA B 89 -29.50 -2.98 -7.66
CA ALA B 89 -28.58 -1.87 -7.41
C ALA B 89 -27.89 -1.43 -8.69
N GLN B 90 -27.61 -2.36 -9.62
CA GLN B 90 -27.07 -1.92 -10.90
C GLN B 90 -28.12 -1.15 -11.70
N ILE B 91 -29.37 -1.64 -11.73
CA ILE B 91 -30.43 -0.91 -12.44
C ILE B 91 -30.57 0.50 -11.88
N LEU B 92 -30.54 0.65 -10.55
CA LEU B 92 -30.76 1.94 -9.88
C LEU B 92 -29.45 2.61 -9.43
N ASP B 93 -28.33 2.28 -10.05
CA ASP B 93 -27.03 2.79 -9.62
C ASP B 93 -26.94 4.31 -9.76
N THR B 94 -26.51 4.98 -8.69
CA THR B 94 -26.31 6.42 -8.68
C THR B 94 -24.84 6.83 -8.95
N THR B 95 -23.94 5.86 -9.08
CA THR B 95 -22.52 6.17 -9.30
C THR B 95 -22.31 6.98 -10.56
N PRO B 96 -21.70 8.16 -10.49
CA PRO B 96 -21.42 8.93 -11.70
C PRO B 96 -20.32 8.26 -12.52
N GLN B 97 -20.13 8.77 -13.75
CA GLN B 97 -19.03 8.27 -14.56
C GLN B 97 -17.74 9.02 -14.24
N PRO B 98 -16.58 8.41 -14.47
CA PRO B 98 -15.33 9.13 -14.23
C PRO B 98 -15.16 10.37 -15.10
N ALA B 99 -15.80 10.41 -16.27
CA ALA B 99 -15.70 11.57 -17.14
C ALA B 99 -16.80 11.50 -18.20
N GLN B 100 -17.00 12.62 -18.89
CA GLN B 100 -17.94 12.68 -20.00
C GLN B 100 -17.39 13.61 -21.07
N ASN B 101 -17.36 13.14 -22.32
CA ASN B 101 -16.79 13.89 -23.43
C ASN B 101 -15.27 13.99 -23.23
N ILE B 102 -14.60 14.77 -24.07
CA ILE B 102 -13.15 14.92 -24.01
C ILE B 102 -12.81 16.28 -23.40
N ALA B 103 -12.15 16.27 -22.26
CA ALA B 103 -11.85 17.52 -21.56
C ALA B 103 -10.83 18.34 -22.35
N PRO B 104 -11.03 19.66 -22.45
CA PRO B 104 -10.04 20.49 -23.16
C PRO B 104 -8.67 20.49 -22.50
N SER B 105 -8.61 20.28 -21.18
CA SER B 105 -7.32 20.21 -20.46
C SER B 105 -6.64 18.85 -20.59
N ALA B 106 -7.28 17.86 -21.18
CA ALA B 106 -6.62 16.59 -21.43
C ALA B 106 -5.53 16.78 -22.49
N VAL B 107 -4.46 16.00 -22.38
CA VAL B 107 -3.35 16.09 -23.32
C VAL B 107 -3.23 14.75 -24.04
N ILE B 108 -3.55 14.75 -25.33
CA ILE B 108 -3.74 13.53 -26.10
C ILE B 108 -2.79 13.56 -27.30
N ASP B 109 -1.90 12.58 -27.39
CA ASP B 109 -0.95 12.53 -28.50
C ASP B 109 -1.71 12.35 -29.81
N ALA B 110 -1.22 13.02 -30.86
CA ALA B 110 -1.91 13.00 -32.15
C ALA B 110 -2.08 11.59 -32.68
N THR B 111 -1.18 10.66 -32.34
CA THR B 111 -1.26 9.30 -32.87
C THR B 111 -2.19 8.39 -32.08
N ALA B 112 -2.79 8.87 -31.00
CA ALA B 112 -3.73 8.06 -30.24
C ALA B 112 -4.98 7.79 -31.07
N LYS B 113 -5.54 6.60 -30.93
CA LYS B 113 -6.74 6.19 -31.65
C LYS B 113 -7.87 6.01 -30.65
N LEU B 114 -8.97 6.73 -30.88
CA LEU B 114 -10.15 6.64 -30.04
C LEU B 114 -11.32 6.05 -30.82
N GLY B 115 -12.06 5.14 -30.17
CA GLY B 115 -13.30 4.65 -30.72
C GLY B 115 -14.43 5.63 -30.46
N ASN B 116 -15.65 5.16 -30.64
CA ASN B 116 -16.82 6.00 -30.48
C ASN B 116 -17.21 6.13 -29.01
N ASN B 117 -17.78 7.29 -28.68
CA ASN B 117 -18.33 7.56 -27.35
C ASN B 117 -17.28 7.39 -26.26
N VAL B 118 -16.04 7.81 -26.55
CA VAL B 118 -14.97 7.82 -25.55
C VAL B 118 -15.03 9.09 -24.74
N SER B 119 -14.75 8.99 -23.44
CA SER B 119 -14.69 10.15 -22.55
C SER B 119 -13.33 10.17 -21.87
N ILE B 120 -12.72 11.35 -21.82
CA ILE B 120 -11.40 11.56 -21.22
C ILE B 120 -11.49 12.75 -20.29
N GLY B 121 -11.17 12.54 -19.03
CA GLY B 121 -11.34 13.55 -18.00
C GLY B 121 -10.27 14.62 -18.03
N ALA B 122 -10.51 15.66 -17.23
CA ALA B 122 -9.64 16.82 -17.18
C ALA B 122 -8.22 16.42 -16.79
N ASN B 123 -7.25 16.99 -17.51
CA ASN B 123 -5.81 16.86 -17.24
C ASN B 123 -5.28 15.44 -17.36
N ALA B 124 -6.06 14.51 -17.92
CA ALA B 124 -5.51 13.19 -18.26
C ALA B 124 -4.50 13.34 -19.39
N VAL B 125 -3.52 12.44 -19.41
CA VAL B 125 -2.43 12.48 -20.39
C VAL B 125 -2.40 11.13 -21.11
N ILE B 126 -2.56 11.17 -22.44
CA ILE B 126 -2.60 9.98 -23.28
C ILE B 126 -1.41 10.01 -24.24
N GLU B 127 -0.56 9.00 -24.16
CA GLU B 127 0.70 8.95 -24.91
C GLU B 127 0.48 8.52 -26.36
N SER B 128 1.55 8.58 -27.13
CA SER B 128 1.51 8.18 -28.53
C SER B 128 1.13 6.71 -28.66
N GLY B 129 0.41 6.39 -29.75
CA GLY B 129 0.09 5.02 -30.07
C GLY B 129 -0.98 4.36 -29.23
N VAL B 130 -1.53 5.05 -28.23
CA VAL B 130 -2.53 4.44 -27.37
C VAL B 130 -3.81 4.19 -28.17
N GLU B 131 -4.49 3.09 -27.87
CA GLU B 131 -5.76 2.76 -28.49
C GLU B 131 -6.82 2.64 -27.40
N LEU B 132 -7.89 3.43 -27.51
CA LEU B 132 -9.00 3.38 -26.58
C LEU B 132 -10.22 2.88 -27.35
N GLY B 133 -10.83 1.82 -26.84
CA GLY B 133 -11.97 1.21 -27.51
C GLY B 133 -13.25 1.99 -27.30
N ASP B 134 -14.31 1.54 -27.98
CA ASP B 134 -15.62 2.15 -27.85
C ASP B 134 -16.03 2.25 -26.39
N ASN B 135 -16.61 3.39 -26.02
CA ASN B 135 -17.19 3.61 -24.70
C ASN B 135 -16.17 3.59 -23.58
N VAL B 136 -14.88 3.64 -23.89
CA VAL B 136 -13.87 3.73 -22.83
C VAL B 136 -13.98 5.07 -22.11
N ILE B 137 -13.80 5.04 -20.80
CA ILE B 137 -13.82 6.26 -19.98
C ILE B 137 -12.52 6.33 -19.21
N ILE B 138 -11.79 7.44 -19.38
CA ILE B 138 -10.54 7.71 -18.68
C ILE B 138 -10.78 8.88 -17.73
N GLY B 139 -10.55 8.66 -16.44
CA GLY B 139 -10.85 9.68 -15.45
C GLY B 139 -9.84 10.82 -15.48
N ALA B 140 -10.14 11.85 -14.69
CA ALA B 140 -9.25 13.00 -14.56
C ALA B 140 -7.88 12.59 -14.04
N GLY B 141 -6.82 13.21 -14.58
CA GLY B 141 -5.49 13.03 -14.04
C GLY B 141 -4.82 11.71 -14.33
N CYS B 142 -5.45 10.85 -15.14
CA CYS B 142 -4.86 9.56 -15.49
C CYS B 142 -3.67 9.75 -16.44
N PHE B 143 -2.78 8.75 -16.45
CA PHE B 143 -1.71 8.64 -17.44
C PHE B 143 -1.83 7.28 -18.10
N VAL B 144 -1.80 7.27 -19.44
CA VAL B 144 -1.82 6.03 -20.23
C VAL B 144 -0.61 6.07 -21.16
N GLY B 145 0.33 5.14 -20.94
CA GLY B 145 1.64 5.21 -21.55
C GLY B 145 1.66 4.68 -22.98
N LYS B 146 2.83 4.79 -23.60
CA LYS B 146 2.95 4.58 -25.04
C LYS B 146 2.46 3.21 -25.47
N ASN B 147 1.66 3.19 -26.54
CA ASN B 147 1.23 1.97 -27.23
C ASN B 147 0.31 1.09 -26.41
N SER B 148 -0.20 1.56 -25.28
CA SER B 148 -1.11 0.73 -24.50
C SER B 148 -2.50 0.71 -25.14
N LYS B 149 -3.24 -0.36 -24.89
CA LYS B 149 -4.54 -0.61 -25.50
C LYS B 149 -5.55 -0.90 -24.40
N ILE B 150 -6.67 -0.18 -24.42
CA ILE B 150 -7.73 -0.37 -23.44
C ILE B 150 -9.00 -0.73 -24.19
N GLY B 151 -9.58 -1.89 -23.84
CA GLY B 151 -10.68 -2.42 -24.59
C GLY B 151 -12.01 -1.76 -24.29
N ALA B 152 -12.98 -2.03 -25.16
CA ALA B 152 -14.26 -1.32 -25.14
C ALA B 152 -14.95 -1.47 -23.79
N GLY B 153 -15.60 -0.38 -23.35
CA GLY B 153 -16.35 -0.41 -22.13
C GLY B 153 -15.54 -0.31 -20.85
N SER B 154 -14.21 -0.35 -20.93
CA SER B 154 -13.38 -0.28 -19.74
C SER B 154 -13.32 1.15 -19.22
N ARG B 155 -13.16 1.27 -17.90
CA ARG B 155 -13.21 2.57 -17.25
C ARG B 155 -12.10 2.68 -16.20
N LEU B 156 -11.42 3.82 -16.20
CA LEU B 156 -10.44 4.17 -15.19
C LEU B 156 -10.96 5.35 -14.37
N TRP B 157 -10.92 5.22 -13.05
CA TRP B 157 -11.25 6.36 -12.20
C TRP B 157 -10.08 7.34 -12.24
N ALA B 158 -10.16 8.40 -11.45
CA ALA B 158 -9.17 9.47 -11.50
C ALA B 158 -7.80 8.97 -11.04
N ASN B 159 -6.75 9.56 -11.61
CA ASN B 159 -5.39 9.40 -11.08
C ASN B 159 -4.95 7.92 -11.09
N VAL B 160 -5.30 7.19 -12.17
CA VAL B 160 -4.79 5.86 -12.47
C VAL B 160 -3.60 6.00 -13.42
N THR B 161 -2.56 5.20 -13.21
CA THR B 161 -1.37 5.22 -14.06
C THR B 161 -1.25 3.89 -14.79
N ILE B 162 -1.32 3.93 -16.12
CA ILE B 162 -1.04 2.79 -16.97
C ILE B 162 0.27 3.07 -17.71
N TYR B 163 1.26 2.20 -17.55
CA TYR B 163 2.53 2.38 -18.25
C TYR B 163 2.38 2.02 -19.73
N HIS B 164 3.50 1.81 -20.41
CA HIS B 164 3.57 1.55 -21.84
C HIS B 164 3.38 0.06 -22.14
N GLU B 165 2.86 -0.22 -23.35
CA GLU B 165 2.72 -1.59 -23.86
C GLU B 165 1.81 -2.46 -22.98
N ILE B 166 0.84 -1.84 -22.31
CA ILE B 166 -0.08 -2.58 -21.47
C ILE B 166 -1.33 -2.91 -22.27
N GLN B 167 -1.90 -4.08 -22.03
CA GLN B 167 -3.15 -4.46 -22.69
C GLN B 167 -4.22 -4.71 -21.63
N ILE B 168 -5.36 -4.03 -21.77
CA ILE B 168 -6.50 -4.17 -20.88
C ILE B 168 -7.71 -4.52 -21.74
N GLY B 169 -8.49 -5.52 -21.30
CA GLY B 169 -9.60 -6.04 -22.08
C GLY B 169 -10.87 -5.21 -21.95
N GLN B 170 -12.00 -5.87 -22.18
CA GLN B 170 -13.29 -5.20 -22.23
C GLN B 170 -13.96 -5.17 -20.87
N ASN B 171 -14.66 -4.07 -20.59
CA ASN B 171 -15.53 -3.95 -19.43
C ASN B 171 -14.76 -4.10 -18.11
N CYS B 172 -13.51 -3.66 -18.09
CA CYS B 172 -12.76 -3.61 -16.84
C CYS B 172 -13.06 -2.32 -16.10
N LEU B 173 -12.69 -2.28 -14.81
CA LEU B 173 -12.87 -1.10 -13.97
C LEU B 173 -11.67 -1.02 -13.03
N ILE B 174 -10.98 0.12 -13.04
CA ILE B 174 -9.79 0.30 -12.22
C ILE B 174 -10.00 1.52 -11.35
N GLN B 175 -9.86 1.35 -10.03
CA GLN B 175 -10.06 2.44 -9.09
C GLN B 175 -8.80 3.31 -8.99
N SER B 176 -8.98 4.50 -8.38
CA SER B 176 -7.93 5.52 -8.37
C SER B 176 -6.65 5.07 -7.66
N GLY B 177 -5.53 5.67 -8.06
CA GLY B 177 -4.23 5.45 -7.43
C GLY B 177 -3.54 4.17 -7.84
N THR B 178 -4.20 3.33 -8.62
CA THR B 178 -3.62 2.08 -9.07
C THR B 178 -2.58 2.33 -10.17
N VAL B 179 -1.54 1.50 -10.19
CA VAL B 179 -0.42 1.60 -11.12
C VAL B 179 -0.27 0.26 -11.81
N VAL B 180 -0.44 0.24 -13.12
CA VAL B 180 -0.32 -1.00 -13.89
C VAL B 180 0.90 -0.89 -14.79
N GLY B 181 1.86 -1.78 -14.61
CA GLY B 181 2.99 -1.85 -15.53
C GLY B 181 4.29 -1.20 -15.10
N ALA B 182 4.46 -0.89 -13.81
CA ALA B 182 5.75 -0.42 -13.34
C ALA B 182 6.81 -1.52 -13.48
N ASP B 183 8.09 -1.12 -13.42
CA ASP B 183 9.18 -2.10 -13.49
C ASP B 183 9.07 -3.13 -12.37
N GLY B 184 9.20 -4.40 -12.73
CA GLY B 184 9.46 -5.42 -11.73
C GLY B 184 10.77 -5.17 -10.99
N PHE B 185 10.94 -5.90 -9.90
CA PHE B 185 12.05 -5.72 -8.97
C PHE B 185 13.21 -6.61 -9.43
N GLY B 186 13.79 -6.23 -10.58
CA GLY B 186 14.82 -7.06 -11.20
C GLY B 186 16.18 -6.41 -11.24
N TYR B 187 17.18 -7.06 -10.63
CA TYR B 187 18.54 -6.53 -10.56
C TYR B 187 19.51 -7.69 -10.57
N ALA B 188 20.66 -7.49 -11.23
CA ALA B 188 21.81 -8.39 -11.14
C ALA B 188 22.84 -7.81 -10.18
N ASN B 189 23.95 -8.55 -9.98
CA ASN B 189 24.97 -8.23 -8.99
C ASN B 189 26.32 -8.21 -9.69
N ASP B 190 26.96 -7.03 -9.74
CA ASP B 190 28.28 -6.89 -10.34
C ASP B 190 29.26 -6.54 -9.22
N ARG B 191 29.97 -7.56 -8.73
CA ARG B 191 30.99 -7.40 -7.67
C ARG B 191 30.48 -6.54 -6.52
N GLY B 192 29.22 -6.72 -6.13
CA GLY B 192 28.67 -5.99 -5.01
C GLY B 192 27.84 -4.76 -5.34
N ASN B 193 27.63 -4.43 -6.61
CA ASN B 193 26.77 -3.31 -6.99
C ASN B 193 25.52 -3.82 -7.71
N TRP B 194 24.36 -3.24 -7.36
CA TRP B 194 23.12 -3.62 -8.06
C TRP B 194 23.16 -3.09 -9.48
N VAL B 195 22.76 -3.94 -10.43
CA VAL B 195 22.70 -3.57 -11.84
C VAL B 195 21.25 -3.76 -12.30
N LYS B 196 20.60 -2.67 -12.72
CA LYS B 196 19.20 -2.75 -13.12
C LYS B 196 19.01 -3.68 -14.32
N ILE B 197 18.02 -4.56 -14.23
CA ILE B 197 17.59 -5.37 -15.37
C ILE B 197 16.36 -4.70 -15.98
N PRO B 198 16.46 -4.09 -17.16
CA PRO B 198 15.27 -3.50 -17.78
C PRO B 198 14.16 -4.54 -17.85
N GLN B 199 12.95 -4.09 -17.58
CA GLN B 199 11.79 -4.97 -17.50
C GLN B 199 10.98 -4.73 -18.76
N ILE B 200 11.16 -5.60 -19.75
CA ILE B 200 10.63 -5.33 -21.08
C ILE B 200 9.48 -6.25 -21.44
N GLY B 201 9.03 -7.09 -20.53
CA GLY B 201 7.73 -7.73 -20.66
C GLY B 201 6.62 -6.72 -20.40
N ARG B 202 5.38 -7.23 -20.36
CA ARG B 202 4.19 -6.38 -20.28
C ARG B 202 3.27 -6.79 -19.14
N VAL B 203 2.10 -6.15 -19.07
CA VAL B 203 0.95 -6.67 -18.30
C VAL B 203 -0.17 -6.90 -19.30
N ILE B 204 -0.80 -8.06 -19.22
CA ILE B 204 -2.01 -8.36 -19.99
C ILE B 204 -3.15 -8.56 -19.00
N ILE B 205 -4.21 -7.75 -19.13
CA ILE B 205 -5.38 -7.84 -18.29
C ILE B 205 -6.55 -8.25 -19.17
N GLY B 206 -7.28 -9.28 -18.75
CA GLY B 206 -8.38 -9.82 -19.54
C GLY B 206 -9.64 -8.97 -19.47
N ASP B 207 -10.76 -9.60 -19.79
CA ASP B 207 -12.07 -8.94 -19.75
C ASP B 207 -12.70 -9.02 -18.38
N ARG B 208 -13.48 -7.99 -18.04
CA ARG B 208 -14.30 -7.94 -16.82
C ARG B 208 -13.45 -8.03 -15.55
N VAL B 209 -12.27 -7.42 -15.58
CA VAL B 209 -11.40 -7.38 -14.41
C VAL B 209 -11.71 -6.12 -13.62
N GLU B 210 -11.83 -6.25 -12.30
CA GLU B 210 -12.00 -5.11 -11.41
C GLU B 210 -10.80 -5.04 -10.48
N ILE B 211 -10.18 -3.87 -10.41
CA ILE B 211 -8.98 -3.65 -9.60
C ILE B 211 -9.25 -2.46 -8.68
N GLY B 212 -8.99 -2.65 -7.39
CA GLY B 212 -9.24 -1.63 -6.41
C GLY B 212 -8.18 -0.54 -6.46
N ALA B 213 -8.13 0.24 -5.39
CA ALA B 213 -7.38 1.48 -5.34
C ALA B 213 -5.98 1.25 -4.75
N CYS B 214 -5.00 2.02 -5.24
CA CYS B 214 -3.60 1.90 -4.82
C CYS B 214 -3.10 0.46 -4.87
N THR B 215 -3.50 -0.26 -5.91
CA THR B 215 -2.95 -1.58 -6.16
C THR B 215 -1.86 -1.41 -7.21
N THR B 216 -0.80 -2.21 -7.11
CA THR B 216 0.27 -2.14 -8.11
C THR B 216 0.42 -3.49 -8.80
N ILE B 217 0.57 -3.46 -10.12
CA ILE B 217 0.73 -4.67 -10.93
C ILE B 217 1.92 -4.42 -11.84
N ASP B 218 3.04 -5.08 -11.55
CA ASP B 218 4.28 -4.80 -12.27
C ASP B 218 4.31 -5.55 -13.60
N ARG B 219 4.98 -4.95 -14.58
CA ARG B 219 5.22 -5.64 -15.85
C ARG B 219 6.25 -6.75 -15.68
N GLY B 220 6.24 -7.71 -16.61
CA GLY B 220 7.19 -8.82 -16.56
C GLY B 220 8.59 -8.42 -17.03
N ALA B 221 9.57 -9.24 -16.67
CA ALA B 221 10.95 -8.94 -17.04
C ALA B 221 11.19 -9.14 -18.54
N LEU B 222 10.63 -10.21 -19.09
CA LEU B 222 10.80 -10.55 -20.51
C LEU B 222 9.46 -10.98 -21.08
N ASP B 223 8.89 -12.02 -20.49
CA ASP B 223 7.51 -12.40 -20.78
C ASP B 223 6.58 -11.60 -19.85
N ASP B 224 5.30 -11.93 -19.81
CA ASP B 224 4.28 -11.00 -19.33
C ASP B 224 3.70 -11.40 -17.98
N THR B 225 3.29 -10.38 -17.21
CA THR B 225 2.36 -10.53 -16.09
C THR B 225 0.95 -10.66 -16.66
N ILE B 226 0.19 -11.63 -16.20
CA ILE B 226 -1.12 -11.94 -16.81
C ILE B 226 -2.21 -12.01 -15.77
N ILE B 227 -3.28 -11.26 -16.00
CA ILE B 227 -4.47 -11.29 -15.15
C ILE B 227 -5.61 -11.83 -15.99
N GLY B 228 -6.16 -12.97 -15.60
CA GLY B 228 -7.22 -13.61 -16.35
C GLY B 228 -8.55 -12.87 -16.29
N ASN B 229 -9.51 -13.39 -17.05
CA ASN B 229 -10.83 -12.76 -17.15
C ASN B 229 -11.63 -12.94 -15.86
N GLY B 230 -12.44 -11.93 -15.54
CA GLY B 230 -13.34 -12.05 -14.41
C GLY B 230 -12.67 -11.95 -13.06
N VAL B 231 -11.37 -11.68 -13.01
CA VAL B 231 -10.63 -11.56 -11.76
C VAL B 231 -11.05 -10.30 -11.02
N ILE B 232 -11.17 -10.38 -9.70
CA ILE B 232 -11.43 -9.20 -8.88
C ILE B 232 -10.29 -9.05 -7.87
N ILE B 233 -9.77 -7.84 -7.77
CA ILE B 233 -8.61 -7.54 -6.93
C ILE B 233 -8.95 -6.29 -6.12
N ASP B 234 -8.76 -6.37 -4.80
CA ASP B 234 -9.16 -5.32 -3.86
C ASP B 234 -8.08 -4.24 -3.81
N ASN B 235 -8.13 -3.36 -2.79
CA ASN B 235 -7.17 -2.25 -2.63
C ASN B 235 -5.83 -2.72 -2.09
N GLN B 236 -4.78 -1.94 -2.39
CA GLN B 236 -3.46 -2.08 -1.76
C GLN B 236 -2.81 -3.43 -2.04
N CYS B 237 -3.23 -4.12 -3.10
CA CYS B 237 -2.57 -5.37 -3.45
C CYS B 237 -1.30 -5.11 -4.24
N GLN B 238 -0.37 -6.06 -4.15
CA GLN B 238 0.87 -5.98 -4.89
C GLN B 238 1.02 -7.24 -5.70
N ILE B 239 1.02 -7.10 -7.02
CA ILE B 239 1.14 -8.24 -7.94
C ILE B 239 2.49 -8.08 -8.64
N ALA B 240 3.42 -8.98 -8.34
CA ALA B 240 4.79 -8.83 -8.81
C ALA B 240 4.94 -9.19 -10.29
N HIS B 241 6.12 -8.91 -10.83
CA HIS B 241 6.42 -9.24 -12.22
C HIS B 241 6.22 -10.73 -12.51
N ASN B 242 5.60 -11.01 -13.65
CA ASN B 242 5.45 -12.38 -14.16
C ASN B 242 4.52 -13.24 -13.32
N VAL B 243 3.72 -12.63 -12.45
CA VAL B 243 2.62 -13.37 -11.84
C VAL B 243 1.57 -13.65 -12.91
N VAL B 244 0.94 -14.83 -12.83
CA VAL B 244 -0.20 -15.21 -13.65
C VAL B 244 -1.36 -15.56 -12.74
N ILE B 245 -2.51 -14.93 -12.95
CA ILE B 245 -3.69 -15.19 -12.15
C ILE B 245 -4.81 -15.72 -13.06
N GLY B 246 -5.39 -16.86 -12.67
CA GLY B 246 -6.38 -17.49 -13.52
C GLY B 246 -7.77 -16.87 -13.38
N ASP B 247 -8.63 -17.22 -14.34
CA ASP B 247 -9.96 -16.61 -14.45
C ASP B 247 -10.76 -16.73 -13.15
N ASN B 248 -11.50 -15.66 -12.85
CA ASN B 248 -12.49 -15.60 -11.78
C ASN B 248 -11.90 -15.69 -10.37
N THR B 249 -10.58 -15.61 -10.23
CA THR B 249 -9.99 -15.60 -8.91
C THR B 249 -10.24 -14.25 -8.23
N ALA B 250 -10.43 -14.29 -6.91
CA ALA B 250 -10.65 -13.10 -6.11
C ALA B 250 -9.47 -12.90 -5.16
N VAL B 251 -8.96 -11.67 -5.08
CA VAL B 251 -7.83 -11.34 -4.22
C VAL B 251 -8.25 -10.16 -3.33
N ALA B 252 -8.34 -10.40 -2.03
CA ALA B 252 -8.85 -9.40 -1.11
C ALA B 252 -7.74 -8.42 -0.73
N GLY B 253 -8.07 -7.44 0.12
CA GLY B 253 -7.21 -6.27 0.25
C GLY B 253 -5.85 -6.57 0.85
N GLY B 254 -4.83 -5.84 0.37
CA GLY B 254 -3.49 -5.88 0.96
C GLY B 254 -2.69 -7.16 0.72
N VAL B 255 -3.06 -7.97 -0.28
CA VAL B 255 -2.36 -9.20 -0.58
C VAL B 255 -1.07 -8.86 -1.32
N ILE B 256 0.02 -9.54 -0.96
CA ILE B 256 1.29 -9.39 -1.66
C ILE B 256 1.64 -10.70 -2.36
N MET B 257 1.95 -10.61 -3.65
CA MET B 257 2.30 -11.78 -4.45
C MET B 257 3.68 -11.58 -5.03
N ALA B 258 4.59 -12.51 -4.77
CA ALA B 258 5.97 -12.38 -5.22
C ALA B 258 6.11 -12.81 -6.68
N GLY B 259 7.31 -12.57 -7.23
CA GLY B 259 7.49 -12.74 -8.67
C GLY B 259 7.29 -14.17 -9.11
N SER B 260 6.68 -14.34 -10.30
CA SER B 260 6.56 -15.62 -10.98
C SER B 260 5.65 -16.61 -10.26
N LEU B 261 4.77 -16.12 -9.40
CA LEU B 261 3.70 -16.95 -8.86
C LEU B 261 2.64 -17.24 -9.93
N LYS B 262 2.15 -18.47 -9.98
CA LYS B 262 0.99 -18.81 -10.80
C LYS B 262 -0.15 -19.23 -9.89
N ILE B 263 -1.29 -18.56 -10.03
CA ILE B 263 -2.50 -18.86 -9.28
C ILE B 263 -3.55 -19.33 -10.28
N GLY B 264 -4.25 -20.42 -9.93
CA GLY B 264 -5.23 -21.00 -10.83
C GLY B 264 -6.54 -20.25 -10.83
N ARG B 265 -7.56 -20.93 -11.36
CA ARG B 265 -8.90 -20.36 -11.50
C ARG B 265 -9.72 -20.55 -10.23
N TYR B 266 -10.67 -19.63 -10.02
CA TYR B 266 -11.66 -19.77 -8.96
C TYR B 266 -11.01 -19.84 -7.58
N CYS B 267 -9.84 -19.24 -7.42
CA CYS B 267 -9.20 -19.17 -6.12
C CYS B 267 -9.75 -17.97 -5.34
N MET B 268 -9.60 -18.02 -4.02
CA MET B 268 -9.98 -16.91 -3.15
C MET B 268 -8.84 -16.66 -2.17
N ILE B 269 -8.21 -15.50 -2.29
CA ILE B 269 -7.02 -15.19 -1.51
C ILE B 269 -7.39 -14.13 -0.48
N GLY B 270 -7.37 -14.51 0.80
CA GLY B 270 -7.84 -13.63 1.85
C GLY B 270 -6.92 -12.45 2.11
N GLY B 271 -7.50 -11.43 2.73
CA GLY B 271 -6.80 -10.15 2.86
C GLY B 271 -5.49 -10.31 3.62
N ALA B 272 -4.50 -9.51 3.20
CA ALA B 272 -3.20 -9.41 3.85
C ALA B 272 -2.40 -10.71 3.78
N SER B 273 -2.78 -11.66 2.92
CA SER B 273 -1.95 -12.84 2.68
C SER B 273 -0.65 -12.46 1.97
N VAL B 274 0.36 -13.30 2.15
CA VAL B 274 1.67 -13.13 1.54
C VAL B 274 1.98 -14.43 0.81
N ILE B 275 2.10 -14.35 -0.51
CA ILE B 275 2.26 -15.53 -1.35
C ILE B 275 3.61 -15.45 -2.05
N ASN B 276 4.50 -16.36 -1.69
CA ASN B 276 5.84 -16.36 -2.27
C ASN B 276 5.79 -16.84 -3.72
N GLY B 277 6.93 -16.70 -4.41
CA GLY B 277 6.97 -16.79 -5.86
C GLY B 277 7.60 -18.08 -6.36
N HIS B 278 7.73 -18.14 -7.69
CA HIS B 278 8.30 -19.29 -8.38
C HIS B 278 7.62 -20.59 -7.94
N MET B 279 6.30 -20.57 -7.90
CA MET B 279 5.53 -21.73 -7.46
C MET B 279 4.11 -21.58 -7.97
N GLU B 280 3.34 -22.65 -7.84
CA GLU B 280 1.98 -22.68 -8.39
C GLU B 280 0.95 -23.03 -7.33
N ILE B 281 -0.20 -22.37 -7.43
CA ILE B 281 -1.39 -22.68 -6.64
C ILE B 281 -2.45 -23.19 -7.60
N CYS B 282 -3.02 -24.36 -7.33
CA CYS B 282 -3.95 -24.99 -8.26
C CYS B 282 -5.31 -24.29 -8.20
N ASP B 283 -6.24 -24.72 -9.08
CA ASP B 283 -7.59 -24.19 -9.09
C ASP B 283 -8.30 -24.43 -7.76
N LYS B 284 -9.23 -23.53 -7.44
CA LYS B 284 -10.20 -23.71 -6.36
C LYS B 284 -9.51 -23.84 -4.99
N VAL B 285 -8.52 -23.00 -4.75
CA VAL B 285 -7.84 -22.93 -3.47
C VAL B 285 -8.30 -21.67 -2.75
N THR B 286 -8.62 -21.80 -1.47
CA THR B 286 -8.89 -20.65 -0.61
C THR B 286 -7.76 -20.53 0.39
N VAL B 287 -7.18 -19.33 0.48
CA VAL B 287 -6.20 -18.99 1.51
C VAL B 287 -6.86 -17.98 2.44
N THR B 288 -6.98 -18.31 3.72
CA THR B 288 -7.63 -17.40 4.64
C THR B 288 -6.71 -16.21 4.95
N GLY B 289 -7.30 -15.15 5.51
CA GLY B 289 -6.58 -13.91 5.73
C GLY B 289 -5.23 -14.07 6.43
N MET B 290 -4.25 -13.28 5.98
CA MET B 290 -2.90 -13.24 6.52
C MET B 290 -2.16 -14.55 6.31
N GLY B 291 -2.60 -15.36 5.36
CA GLY B 291 -1.91 -16.62 5.12
C GLY B 291 -0.49 -16.39 4.64
N MET B 292 0.44 -17.18 5.19
CA MET B 292 1.86 -17.15 4.83
C MET B 292 2.12 -18.35 3.93
N VAL B 293 2.11 -18.13 2.62
CA VAL B 293 2.20 -19.22 1.65
C VAL B 293 3.65 -19.35 1.18
N MET B 294 4.31 -20.41 1.64
CA MET B 294 5.70 -20.69 1.30
C MET B 294 5.88 -21.84 0.32
N ARG B 295 4.91 -22.71 0.15
CA ARG B 295 5.04 -23.91 -0.68
C ARG B 295 3.92 -23.97 -1.71
N PRO B 296 4.14 -24.68 -2.82
CA PRO B 296 3.06 -24.88 -3.80
C PRO B 296 1.85 -25.56 -3.16
N ILE B 297 0.69 -25.27 -3.73
CA ILE B 297 -0.56 -25.90 -3.32
C ILE B 297 -1.08 -26.68 -4.52
N THR B 298 -1.20 -28.00 -4.35
CA THR B 298 -1.52 -28.88 -5.46
C THR B 298 -2.90 -29.51 -5.37
N GLU B 299 -3.61 -29.32 -4.25
CA GLU B 299 -4.96 -29.81 -4.06
C GLU B 299 -5.90 -28.67 -3.70
N PRO B 300 -7.11 -28.67 -4.27
CA PRO B 300 -8.10 -27.65 -3.89
C PRO B 300 -8.45 -27.79 -2.42
N GLY B 301 -8.96 -26.71 -1.86
CA GLY B 301 -9.40 -26.72 -0.49
C GLY B 301 -9.02 -25.44 0.22
N VAL B 302 -9.18 -25.44 1.54
CA VAL B 302 -8.99 -24.24 2.35
C VAL B 302 -7.73 -24.39 3.17
N TYR B 303 -6.89 -23.35 3.18
CA TYR B 303 -5.58 -23.37 3.83
C TYR B 303 -5.43 -22.12 4.66
N SER B 304 -4.67 -22.21 5.76
CA SER B 304 -4.67 -21.17 6.79
C SER B 304 -3.32 -21.14 7.49
N SER B 305 -2.97 -19.97 8.04
CA SER B 305 -1.81 -19.86 8.92
C SER B 305 -2.03 -18.73 9.93
N GLY B 306 -1.15 -18.66 10.92
CA GLY B 306 -1.14 -17.53 11.84
C GLY B 306 -1.62 -17.91 13.23
N ILE B 307 -1.02 -17.29 14.24
CA ILE B 307 -1.40 -17.48 15.64
C ILE B 307 -2.16 -16.24 16.09
N PRO B 308 -3.43 -16.38 16.47
CA PRO B 308 -4.28 -15.21 16.71
C PRO B 308 -3.93 -14.46 18.00
N LEU B 309 -4.61 -13.33 18.15
CA LEU B 309 -4.37 -12.40 19.25
C LEU B 309 -4.65 -13.00 20.62
N GLN B 310 -3.88 -12.56 21.60
CA GLN B 310 -4.12 -12.85 23.01
C GLN B 310 -3.82 -11.59 23.78
N PRO B 311 -4.29 -11.48 25.03
CA PRO B 311 -3.84 -10.36 25.88
C PRO B 311 -2.31 -10.37 25.96
N ASN B 312 -1.72 -9.18 26.02
CA ASN B 312 -0.27 -9.06 25.86
C ASN B 312 0.49 -9.92 26.89
N LYS B 313 0.04 -9.92 28.15
CA LYS B 313 0.76 -10.71 29.16
C LYS B 313 0.71 -12.20 28.82
N VAL B 314 -0.42 -12.66 28.29
CA VAL B 314 -0.53 -14.06 27.85
C VAL B 314 0.34 -14.30 26.63
N TRP B 315 0.30 -13.38 25.68
CA TRP B 315 1.10 -13.51 24.46
C TRP B 315 2.57 -13.63 24.79
N ARG B 316 3.07 -12.82 25.74
CA ARG B 316 4.48 -12.88 26.09
C ARG B 316 4.88 -14.29 26.49
N LYS B 317 4.04 -14.95 27.29
CA LYS B 317 4.37 -16.31 27.71
C LYS B 317 4.23 -17.30 26.55
N THR B 318 3.17 -17.19 25.76
CA THR B 318 3.05 -18.02 24.57
C THR B 318 4.28 -17.90 23.69
N ALA B 319 4.66 -16.66 23.36
CA ALA B 319 5.78 -16.46 22.43
C ALA B 319 7.06 -17.03 23.00
N ALA B 320 7.31 -16.83 24.30
CA ALA B 320 8.52 -17.35 24.91
C ALA B 320 8.56 -18.87 24.85
N LEU B 321 7.40 -19.54 25.08
CA LEU B 321 7.39 -21.00 25.07
C LEU B 321 7.55 -21.54 23.65
N VAL B 322 6.89 -20.93 22.68
CA VAL B 322 7.05 -21.35 21.30
C VAL B 322 8.49 -21.19 20.86
N MET B 323 9.10 -20.05 21.18
CA MET B 323 10.47 -19.83 20.73
C MET B 323 11.42 -20.86 21.33
N ASN B 324 11.07 -21.45 22.46
CA ASN B 324 11.86 -22.48 23.10
C ASN B 324 11.27 -23.88 22.92
N ILE B 325 10.49 -24.09 21.85
CA ILE B 325 9.78 -25.35 21.73
C ILE B 325 10.72 -26.51 21.47
N ASP B 326 11.93 -26.25 20.94
CA ASP B 326 12.90 -27.33 20.74
C ASP B 326 13.28 -27.96 22.08
N ASP B 327 13.41 -27.15 23.13
CA ASP B 327 13.72 -27.70 24.44
C ASP B 327 12.55 -28.52 24.98
N MET B 328 11.33 -28.06 24.73
CA MET B 328 10.16 -28.83 25.12
C MET B 328 10.11 -30.18 24.40
N SER B 329 10.43 -30.18 23.11
CA SER B 329 10.46 -31.43 22.36
C SER B 329 11.49 -32.40 22.91
N LYS B 330 12.68 -31.90 23.25
CA LYS B 330 13.72 -32.78 23.81
C LYS B 330 13.30 -33.35 25.16
N ARG B 331 12.64 -32.55 25.98
CA ARG B 331 12.16 -33.03 27.28
C ARG B 331 11.08 -34.09 27.12
N LEU B 332 10.23 -33.94 26.11
CA LEU B 332 9.20 -34.94 25.88
C LEU B 332 9.83 -36.27 25.45
N LYS B 333 10.82 -36.23 24.55
CA LYS B 333 11.49 -37.45 24.12
C LYS B 333 12.23 -38.12 25.28
N SER B 334 12.89 -37.33 26.13
CA SER B 334 13.58 -37.90 27.27
CA SER B 334 13.58 -37.90 27.27
C SER B 334 12.60 -38.63 28.18
N LEU B 335 11.45 -38.01 28.44
CA LEU B 335 10.44 -38.60 29.29
C LEU B 335 9.87 -39.88 28.69
N GLU B 336 9.61 -39.86 27.37
CA GLU B 336 9.16 -41.09 26.71
C GLU B 336 10.15 -42.22 26.90
N ARG B 337 11.45 -41.95 26.73
CA ARG B 337 12.46 -42.98 26.96
C ARG B 337 12.36 -43.55 28.38
N LYS B 338 12.20 -42.67 29.37
CA LYS B 338 12.09 -43.14 30.76
C LYS B 338 10.87 -44.02 30.96
N VAL B 339 9.73 -43.62 30.39
CA VAL B 339 8.50 -44.40 30.53
C VAL B 339 8.63 -45.74 29.78
N ASN B 340 9.43 -45.77 28.71
CA ASN B 340 9.71 -47.01 27.98
C ASN B 340 10.73 -47.89 28.70
N GLN B 341 11.16 -47.50 29.90
CA GLN B 341 12.12 -48.27 30.69
C GLN B 341 13.48 -48.37 30.00
N GLN B 342 13.88 -47.36 29.25
CA GLN B 342 15.18 -47.39 28.59
C GLN B 342 16.17 -46.34 29.10
N GLY C 4 17.40 0.05 -30.65
CA GLY C 4 18.14 0.30 -31.90
C GLY C 4 19.03 -0.88 -32.27
N SER C 5 18.85 -1.39 -33.49
CA SER C 5 19.58 -2.58 -33.93
C SER C 5 21.09 -2.37 -33.83
N ILE C 6 21.81 -3.47 -33.71
CA ILE C 6 23.25 -3.43 -33.53
C ILE C 6 23.86 -4.72 -34.11
N ARG C 7 25.03 -4.60 -34.71
CA ARG C 7 25.72 -5.78 -35.22
C ARG C 7 26.23 -6.64 -34.07
N LEU C 8 26.10 -7.96 -34.21
CA LEU C 8 26.50 -8.87 -33.15
C LEU C 8 27.96 -8.65 -32.75
N ALA C 9 28.84 -8.42 -33.72
CA ALA C 9 30.24 -8.16 -33.38
C ALA C 9 30.36 -6.89 -32.53
N ASP C 10 29.60 -5.84 -32.88
CA ASP C 10 29.63 -4.62 -32.09
C ASP C 10 29.04 -4.84 -30.70
N LEU C 11 27.94 -5.60 -30.60
CA LEU C 11 27.40 -5.92 -29.29
C LEU C 11 28.40 -6.69 -28.44
N ALA C 12 29.00 -7.72 -29.03
CA ALA C 12 30.00 -8.51 -28.32
C ALA C 12 31.13 -7.62 -27.80
N GLN C 13 31.54 -6.63 -28.60
CA GLN C 13 32.59 -5.73 -28.16
C GLN C 13 32.15 -4.94 -26.92
N GLN C 14 30.96 -4.35 -26.97
CA GLN C 14 30.47 -3.58 -25.82
C GLN C 14 30.26 -4.45 -24.59
N LEU C 15 30.09 -5.76 -24.76
CA LEU C 15 29.87 -6.68 -23.64
C LEU C 15 31.15 -7.38 -23.19
N ASP C 16 32.27 -7.16 -23.90
CA ASP C 16 33.53 -7.84 -23.60
C ASP C 16 33.34 -9.36 -23.65
N ALA C 17 32.70 -9.82 -24.72
CA ALA C 17 32.36 -11.22 -24.90
C ALA C 17 33.08 -11.77 -26.11
N GLU C 18 33.42 -13.07 -26.06
CA GLU C 18 34.04 -13.72 -27.22
C GLU C 18 32.98 -14.13 -28.21
N LEU C 19 33.05 -13.60 -29.42
CA LEU C 19 32.09 -13.92 -30.47
C LEU C 19 32.47 -15.23 -31.16
N HIS C 20 31.51 -16.16 -31.24
CA HIS C 20 31.65 -17.39 -32.01
C HIS C 20 30.48 -17.44 -32.98
N GLY C 21 30.73 -17.06 -34.23
CA GLY C 21 29.71 -17.02 -35.25
C GLY C 21 29.81 -15.75 -36.05
N ASP C 22 28.75 -15.46 -36.80
CA ASP C 22 28.74 -14.38 -37.78
C ASP C 22 28.57 -13.04 -37.09
N GLY C 23 29.66 -12.27 -37.00
CA GLY C 23 29.62 -10.94 -36.40
C GLY C 23 28.73 -9.94 -37.12
N ASP C 24 28.29 -10.24 -38.33
CA ASP C 24 27.45 -9.32 -39.09
C ASP C 24 25.96 -9.51 -38.81
N ILE C 25 25.59 -10.50 -38.00
CA ILE C 25 24.19 -10.67 -37.64
C ILE C 25 23.66 -9.39 -37.00
N VAL C 26 22.45 -9.00 -37.36
CA VAL C 26 21.82 -7.78 -36.81
C VAL C 26 20.90 -8.19 -35.67
N ILE C 27 21.18 -7.68 -34.47
CA ILE C 27 20.37 -7.94 -33.28
C ILE C 27 19.45 -6.77 -33.04
N THR C 28 18.15 -7.05 -32.90
CA THR C 28 17.14 -6.01 -32.70
C THR C 28 16.62 -5.91 -31.27
N GLY C 29 16.80 -6.93 -30.43
CA GLY C 29 16.25 -6.88 -29.09
C GLY C 29 16.60 -8.14 -28.32
N VAL C 30 16.29 -8.10 -27.03
CA VAL C 30 16.52 -9.23 -26.12
C VAL C 30 15.21 -9.98 -25.91
N ALA C 31 15.29 -11.31 -25.82
CA ALA C 31 14.11 -12.11 -25.55
C ALA C 31 14.46 -13.30 -24.65
N SER C 32 13.43 -13.86 -24.02
CA SER C 32 13.59 -15.11 -23.30
C SER C 32 13.95 -16.24 -24.27
N MET C 33 14.52 -17.32 -23.75
CA MET C 33 14.90 -18.42 -24.63
C MET C 33 13.68 -18.98 -25.35
N GLN C 34 12.56 -19.12 -24.65
CA GLN C 34 11.38 -19.70 -25.28
C GLN C 34 10.72 -18.73 -26.26
N SER C 35 10.82 -17.42 -26.03
CA SER C 35 10.18 -16.45 -26.90
C SER C 35 11.08 -15.96 -28.04
N ALA C 36 12.38 -16.24 -28.01
CA ALA C 36 13.29 -15.60 -28.94
C ALA C 36 13.01 -16.01 -30.38
N GLN C 37 13.05 -15.03 -31.28
CA GLN C 37 12.94 -15.21 -32.72
C GLN C 37 14.16 -14.59 -33.40
N THR C 38 14.26 -14.79 -34.72
CA THR C 38 15.38 -14.24 -35.47
C THR C 38 15.52 -12.75 -35.20
N GLY C 39 16.77 -12.30 -35.07
CA GLY C 39 17.05 -10.94 -34.65
C GLY C 39 17.14 -10.73 -33.15
N HIS C 40 16.65 -11.68 -32.35
CA HIS C 40 16.76 -11.60 -30.90
C HIS C 40 18.05 -12.25 -30.42
N ILE C 41 18.59 -11.69 -29.34
CA ILE C 41 19.67 -12.32 -28.58
C ILE C 41 19.09 -12.77 -27.25
N THR C 42 19.52 -13.94 -26.78
CA THR C 42 19.04 -14.46 -25.51
C THR C 42 20.23 -14.95 -24.71
N PHE C 43 19.98 -15.65 -23.60
CA PHE C 43 21.07 -16.07 -22.72
C PHE C 43 20.69 -17.40 -22.09
N MET C 44 21.71 -18.18 -21.73
CA MET C 44 21.51 -19.46 -21.05
C MET C 44 22.26 -19.44 -19.73
N VAL C 45 21.55 -19.57 -18.62
CA VAL C 45 22.20 -19.69 -17.33
C VAL C 45 22.17 -21.12 -16.78
N ASN C 46 21.17 -21.94 -17.18
CA ASN C 46 21.00 -23.28 -16.66
C ASN C 46 21.50 -24.31 -17.67
N PRO C 47 22.60 -25.02 -17.40
CA PRO C 47 23.13 -25.97 -18.39
C PRO C 47 22.20 -27.12 -18.70
N LYS C 48 21.10 -27.31 -17.95
CA LYS C 48 20.16 -28.33 -18.37
C LYS C 48 19.48 -27.99 -19.69
N TYR C 49 19.53 -26.74 -20.14
CA TYR C 49 18.97 -26.39 -21.44
C TYR C 49 19.92 -26.62 -22.61
N ARG C 50 21.13 -27.15 -22.37
CA ARG C 50 22.08 -27.38 -23.46
C ARG C 50 21.44 -28.21 -24.57
N GLU C 51 20.72 -29.26 -24.19
CA GLU C 51 20.07 -30.14 -25.15
C GLU C 51 18.86 -29.50 -25.82
N HIS C 52 18.46 -28.33 -25.36
CA HIS C 52 17.30 -27.58 -25.84
C HIS C 52 17.68 -26.44 -26.77
N LEU C 53 18.97 -26.13 -26.90
CA LEU C 53 19.38 -24.97 -27.68
C LEU C 53 18.91 -25.06 -29.13
N GLY C 54 18.78 -26.26 -29.68
CA GLY C 54 18.33 -26.42 -31.06
C GLY C 54 16.87 -26.04 -31.29
N LEU C 55 16.09 -25.89 -30.21
CA LEU C 55 14.71 -25.43 -30.28
C LEU C 55 14.58 -23.91 -30.12
N CYS C 56 15.65 -23.24 -29.73
CA CYS C 56 15.66 -21.80 -29.56
C CYS C 56 15.88 -21.13 -30.91
N GLN C 57 15.00 -20.18 -31.26
CA GLN C 57 15.06 -19.51 -32.55
C GLN C 57 15.76 -18.15 -32.50
N ALA C 58 16.47 -17.85 -31.41
CA ALA C 58 17.24 -16.61 -31.33
C ALA C 58 18.37 -16.62 -32.37
N SER C 59 18.83 -15.42 -32.73
CA SER C 59 20.00 -15.31 -33.60
C SER C 59 21.32 -15.47 -32.86
N ALA C 60 21.35 -15.25 -31.54
CA ALA C 60 22.56 -15.49 -30.79
C ALA C 60 22.21 -15.76 -29.33
N VAL C 61 23.09 -16.49 -28.65
CA VAL C 61 22.87 -16.90 -27.26
C VAL C 61 24.13 -16.59 -26.45
N VAL C 62 23.95 -15.91 -25.32
CA VAL C 62 25.02 -15.69 -24.34
C VAL C 62 25.17 -16.94 -23.47
N MET C 63 26.39 -17.43 -23.31
CA MET C 63 26.63 -18.65 -22.56
C MET C 63 28.07 -18.66 -22.04
N THR C 64 28.43 -19.72 -21.31
CA THR C 64 29.77 -19.86 -20.77
C THR C 64 30.63 -20.69 -21.72
N GLN C 65 31.94 -20.73 -21.42
CA GLN C 65 32.84 -21.55 -22.23
C GLN C 65 32.47 -23.03 -22.17
N ASP C 66 32.00 -23.50 -21.01
CA ASP C 66 31.61 -24.90 -20.88
C ASP C 66 30.37 -25.23 -21.71
N ASP C 67 29.52 -24.23 -21.98
CA ASP C 67 28.33 -24.43 -22.80
C ASP C 67 28.64 -24.49 -24.29
N LEU C 68 29.76 -23.93 -24.71
CA LEU C 68 29.98 -23.65 -26.13
C LEU C 68 29.86 -24.87 -27.02
N PRO C 69 30.37 -26.06 -26.65
CA PRO C 69 30.22 -27.22 -27.54
C PRO C 69 28.78 -27.53 -27.86
N PHE C 70 27.84 -27.07 -27.04
CA PHE C 70 26.42 -27.39 -27.19
C PHE C 70 25.67 -26.36 -28.01
N ALA C 71 26.35 -25.32 -28.49
CA ALA C 71 25.66 -24.23 -29.16
C ALA C 71 25.10 -24.69 -30.50
N LYS C 72 23.92 -24.17 -30.85
CA LYS C 72 23.33 -24.37 -32.17
C LYS C 72 22.97 -23.02 -32.76
N SER C 73 23.80 -22.02 -32.51
CA SER C 73 23.61 -20.66 -33.00
C SER C 73 24.92 -19.94 -32.80
N ALA C 74 25.01 -18.72 -33.30
CA ALA C 74 26.07 -17.83 -32.88
C ALA C 74 26.02 -17.71 -31.36
N ALA C 75 27.20 -17.64 -30.74
CA ALA C 75 27.29 -17.61 -29.28
C ALA C 75 28.21 -16.48 -28.84
N LEU C 76 27.80 -15.78 -27.79
CA LEU C 76 28.68 -14.86 -27.06
C LEU C 76 29.12 -15.57 -25.78
N VAL C 77 30.42 -15.83 -25.66
CA VAL C 77 30.95 -16.54 -24.50
C VAL C 77 31.43 -15.51 -23.48
N VAL C 78 30.95 -15.64 -22.25
CA VAL C 78 31.29 -14.73 -21.15
C VAL C 78 31.46 -15.55 -19.89
N LYS C 79 32.02 -14.93 -18.86
CA LYS C 79 32.12 -15.59 -17.57
C LYS C 79 30.78 -15.64 -16.84
N ASN C 80 29.94 -14.61 -16.99
CA ASN C 80 28.71 -14.45 -16.20
C ASN C 80 27.56 -14.12 -17.14
N PRO C 81 26.82 -15.12 -17.61
CA PRO C 81 25.75 -14.82 -18.58
C PRO C 81 24.65 -13.95 -18.02
N TYR C 82 24.32 -14.09 -16.73
CA TYR C 82 23.24 -13.29 -16.14
C TYR C 82 23.61 -11.81 -16.11
N LEU C 83 24.83 -11.49 -15.66
CA LEU C 83 25.26 -10.10 -15.66
C LEU C 83 25.33 -9.55 -17.08
N THR C 84 25.81 -10.37 -18.01
CA THR C 84 25.89 -9.93 -19.41
C THR C 84 24.50 -9.67 -19.96
N TYR C 85 23.52 -10.48 -19.56
CA TYR C 85 22.14 -10.23 -19.96
C TYR C 85 21.65 -8.90 -19.42
N ALA C 86 21.93 -8.60 -18.15
CA ALA C 86 21.56 -7.30 -17.61
C ALA C 86 22.14 -6.18 -18.47
N ARG C 87 23.42 -6.30 -18.85
CA ARG C 87 24.09 -5.25 -19.62
C ARG C 87 23.53 -5.15 -21.03
N MET C 88 23.33 -6.29 -21.71
CA MET C 88 22.84 -6.21 -23.08
C MET C 88 21.39 -5.74 -23.11
N ALA C 89 20.61 -6.06 -22.07
CA ALA C 89 19.25 -5.54 -22.04
C ALA C 89 19.23 -4.02 -21.85
N GLN C 90 20.21 -3.48 -21.12
CA GLN C 90 20.34 -2.03 -21.05
C GLN C 90 20.69 -1.44 -22.41
N ILE C 91 21.62 -2.07 -23.13
CA ILE C 91 22.01 -1.59 -24.45
C ILE C 91 20.82 -1.61 -25.42
N LEU C 92 19.97 -2.64 -25.32
CA LEU C 92 18.85 -2.86 -26.23
C LEU C 92 17.50 -2.51 -25.61
N ASP C 93 17.51 -1.71 -24.55
CA ASP C 93 16.30 -1.42 -23.79
C ASP C 93 15.24 -0.72 -24.65
N THR C 94 14.01 -1.24 -24.62
CA THR C 94 12.88 -0.63 -25.34
C THR C 94 12.05 0.31 -24.46
N THR C 95 12.36 0.44 -23.18
CA THR C 95 11.56 1.28 -22.27
C THR C 95 11.58 2.74 -22.71
N PRO C 96 10.43 3.38 -22.89
CA PRO C 96 10.45 4.80 -23.26
C PRO C 96 10.93 5.66 -22.09
N GLN C 97 11.19 6.93 -22.40
CA GLN C 97 11.45 7.89 -21.34
C GLN C 97 10.13 8.46 -20.80
N PRO C 98 10.07 8.85 -19.53
CA PRO C 98 8.81 9.39 -19.00
C PRO C 98 8.35 10.65 -19.70
N ALA C 99 9.24 11.38 -20.37
CA ALA C 99 8.87 12.61 -21.06
C ALA C 99 10.01 12.99 -21.97
N GLN C 100 9.71 13.91 -22.90
CA GLN C 100 10.69 14.46 -23.82
C GLN C 100 10.38 15.93 -24.03
N ASN C 101 11.40 16.79 -23.85
CA ASN C 101 11.20 18.24 -23.89
C ASN C 101 10.31 18.67 -22.75
N ILE C 102 9.89 19.94 -22.74
CA ILE C 102 9.09 20.49 -21.65
C ILE C 102 7.68 20.76 -22.18
N ALA C 103 6.70 20.09 -21.58
CA ALA C 103 5.34 20.10 -22.11
C ALA C 103 4.69 21.47 -21.90
N PRO C 104 3.97 21.99 -22.90
CA PRO C 104 3.27 23.27 -22.71
C PRO C 104 2.29 23.25 -21.55
N SER C 105 1.77 22.08 -21.18
CA SER C 105 0.79 22.02 -20.11
C SER C 105 1.44 21.86 -18.74
N ALA C 106 2.75 21.69 -18.68
CA ALA C 106 3.43 21.67 -17.39
C ALA C 106 3.39 23.07 -16.78
N VAL C 107 3.39 23.11 -15.45
CA VAL C 107 3.29 24.37 -14.71
C VAL C 107 4.55 24.51 -13.90
N ILE C 108 5.41 25.47 -14.27
CA ILE C 108 6.77 25.54 -13.74
C ILE C 108 6.98 26.94 -13.19
N ASP C 109 7.27 27.02 -11.90
CA ASP C 109 7.48 28.30 -11.24
C ASP C 109 8.65 29.04 -11.88
N ALA C 110 8.53 30.36 -11.98
CA ALA C 110 9.60 31.15 -12.59
C ALA C 110 10.93 31.00 -11.85
N THR C 111 10.90 30.68 -10.56
CA THR C 111 12.16 30.58 -9.81
C THR C 111 12.78 29.19 -9.86
N ALA C 112 12.15 28.22 -10.51
CA ALA C 112 12.77 26.91 -10.65
C ALA C 112 13.99 27.02 -11.55
N LYS C 113 15.00 26.22 -11.26
CA LYS C 113 16.27 26.24 -11.97
C LYS C 113 16.41 24.92 -12.72
N LEU C 114 16.32 24.97 -14.04
CA LEU C 114 16.42 23.77 -14.87
C LEU C 114 17.82 23.67 -15.48
N GLY C 115 18.41 22.48 -15.37
CA GLY C 115 19.67 22.21 -16.02
C GLY C 115 19.48 21.91 -17.49
N ASN C 116 20.56 21.45 -18.12
CA ASN C 116 20.54 21.18 -19.55
C ASN C 116 19.82 19.87 -19.86
N ASN C 117 19.04 19.88 -20.94
CA ASN C 117 18.40 18.66 -21.43
C ASN C 117 17.43 18.06 -20.42
N VAL C 118 16.71 18.89 -19.72
CA VAL C 118 15.68 18.43 -18.79
C VAL C 118 14.38 18.24 -19.55
N SER C 119 13.65 17.18 -19.23
CA SER C 119 12.35 16.91 -19.84
C SER C 119 11.31 16.86 -18.75
N ILE C 120 10.16 17.47 -19.01
CA ILE C 120 9.07 17.55 -18.03
C ILE C 120 7.76 17.24 -18.75
N GLY C 121 7.03 16.24 -18.27
CA GLY C 121 5.86 15.74 -18.96
C GLY C 121 4.60 16.57 -18.74
N ALA C 122 3.56 16.22 -19.49
CA ALA C 122 2.33 16.99 -19.47
C ALA C 122 1.74 17.06 -18.07
N ASN C 123 1.29 18.26 -17.71
CA ASN C 123 0.58 18.57 -16.46
C ASN C 123 1.41 18.32 -15.21
N ALA C 124 2.71 18.12 -15.32
CA ALA C 124 3.55 18.10 -14.13
C ALA C 124 3.61 19.49 -13.51
N VAL C 125 3.85 19.55 -12.20
CA VAL C 125 3.81 20.82 -11.47
C VAL C 125 5.11 20.95 -10.68
N ILE C 126 5.85 22.03 -10.94
CA ILE C 126 7.15 22.28 -10.33
C ILE C 126 7.08 23.57 -9.52
N GLU C 127 7.34 23.46 -8.22
CA GLU C 127 7.17 24.57 -7.30
C GLU C 127 8.36 25.54 -7.34
N SER C 128 8.21 26.66 -6.64
CA SER C 128 9.27 27.65 -6.52
C SER C 128 10.52 27.02 -5.92
N GLY C 129 11.67 27.50 -6.38
CA GLY C 129 12.94 27.09 -5.81
C GLY C 129 13.43 25.72 -6.20
N VAL C 130 12.67 24.94 -6.99
CA VAL C 130 13.12 23.59 -7.34
C VAL C 130 14.36 23.66 -8.23
N GLU C 131 15.28 22.71 -8.06
CA GLU C 131 16.45 22.60 -8.92
C GLU C 131 16.47 21.22 -9.54
N LEU C 132 16.48 21.17 -10.86
CA LEU C 132 16.51 19.92 -11.60
C LEU C 132 17.83 19.84 -12.36
N GLY C 133 18.65 18.86 -12.03
CA GLY C 133 19.96 18.73 -12.65
C GLY C 133 19.88 18.37 -14.13
N ASP C 134 21.05 18.36 -14.77
CA ASP C 134 21.15 17.98 -16.17
C ASP C 134 20.52 16.61 -16.41
N ASN C 135 19.77 16.48 -17.51
CA ASN C 135 19.25 15.22 -18.00
C ASN C 135 18.15 14.65 -17.10
N VAL C 136 17.66 15.43 -16.14
CA VAL C 136 16.53 14.98 -15.32
C VAL C 136 15.27 14.88 -16.16
N ILE C 137 14.49 13.81 -15.93
CA ILE C 137 13.19 13.63 -16.57
C ILE C 137 12.12 13.51 -15.50
N ILE C 138 11.09 14.35 -15.60
CA ILE C 138 9.93 14.31 -14.71
C ILE C 138 8.73 13.86 -15.54
N GLY C 139 8.07 12.78 -15.12
CA GLY C 139 6.93 12.27 -15.87
C GLY C 139 5.71 13.17 -15.76
N ALA C 140 4.69 12.84 -16.57
CA ALA C 140 3.42 13.55 -16.55
C ALA C 140 2.77 13.51 -15.16
N GLY C 141 2.14 14.61 -14.79
CA GLY C 141 1.33 14.64 -13.58
C GLY C 141 2.10 14.62 -12.28
N CYS C 142 3.44 14.66 -12.31
CA CYS C 142 4.20 14.72 -11.08
C CYS C 142 4.01 16.05 -10.38
N PHE C 143 4.32 16.06 -9.08
CA PHE C 143 4.42 17.28 -8.28
C PHE C 143 5.78 17.25 -7.60
N VAL C 144 6.52 18.36 -7.69
CA VAL C 144 7.79 18.50 -7.02
C VAL C 144 7.70 19.79 -6.18
N GLY C 145 7.75 19.65 -4.86
CA GLY C 145 7.45 20.74 -3.94
C GLY C 145 8.60 21.73 -3.75
N LYS C 146 8.31 22.77 -2.97
CA LYS C 146 9.17 23.95 -2.92
C LYS C 146 10.58 23.60 -2.48
N ASN C 147 11.56 24.13 -3.21
CA ASN C 147 12.99 24.05 -2.89
C ASN C 147 13.57 22.63 -2.94
N SER C 148 12.84 21.67 -3.49
CA SER C 148 13.41 20.34 -3.62
C SER C 148 14.45 20.32 -4.75
N LYS C 149 15.40 19.41 -4.63
CA LYS C 149 16.51 19.30 -5.56
C LYS C 149 16.61 17.89 -6.08
N ILE C 150 16.70 17.72 -7.40
CA ILE C 150 16.80 16.41 -8.02
C ILE C 150 18.06 16.40 -8.88
N GLY C 151 18.96 15.46 -8.59
CA GLY C 151 20.27 15.46 -9.19
C GLY C 151 20.28 14.92 -10.60
N ALA C 152 21.38 15.19 -11.28
CA ALA C 152 21.47 14.92 -12.71
C ALA C 152 21.17 13.46 -13.03
N GLY C 153 20.47 13.24 -14.15
CA GLY C 153 20.19 11.91 -14.62
C GLY C 153 19.06 11.18 -13.92
N SER C 154 18.48 11.76 -12.86
CA SER C 154 17.40 11.09 -12.15
C SER C 154 16.10 11.23 -12.93
N ARG C 155 15.19 10.27 -12.72
CA ARG C 155 13.98 10.20 -13.52
C ARG C 155 12.82 9.78 -12.64
N LEU C 156 11.70 10.49 -12.79
CA LEU C 156 10.45 10.19 -12.14
C LEU C 156 9.45 9.74 -13.20
N TRP C 157 8.82 8.59 -12.98
CA TRP C 157 7.72 8.21 -13.86
C TRP C 157 6.49 9.07 -13.53
N ALA C 158 5.37 8.77 -14.18
CA ALA C 158 4.20 9.63 -14.06
C ALA C 158 3.62 9.60 -12.64
N ASN C 159 3.02 10.73 -12.25
CA ASN C 159 2.19 10.76 -11.05
C ASN C 159 3.00 10.39 -9.80
N VAL C 160 4.24 10.87 -9.73
CA VAL C 160 5.06 10.81 -8.52
C VAL C 160 4.90 12.11 -7.75
N THR C 161 4.84 12.03 -6.41
CA THR C 161 4.76 13.22 -5.55
C THR C 161 6.02 13.38 -4.71
N ILE C 162 6.72 14.50 -4.91
CA ILE C 162 7.87 14.87 -4.07
C ILE C 162 7.45 16.13 -3.30
N TYR C 163 7.53 16.07 -1.97
CA TYR C 163 7.18 17.24 -1.18
C TYR C 163 8.30 18.29 -1.20
N HIS C 164 8.23 19.23 -0.27
CA HIS C 164 9.18 20.33 -0.18
C HIS C 164 10.47 19.90 0.51
N GLU C 165 11.56 20.61 0.18
CA GLU C 165 12.87 20.49 0.82
C GLU C 165 13.44 19.07 0.73
N ILE C 166 13.12 18.35 -0.33
CA ILE C 166 13.60 16.98 -0.54
C ILE C 166 14.88 17.03 -1.37
N GLN C 167 15.85 16.18 -1.03
CA GLN C 167 17.10 16.09 -1.81
C GLN C 167 17.18 14.69 -2.41
N ILE C 168 17.26 14.62 -3.74
CA ILE C 168 17.38 13.36 -4.47
C ILE C 168 18.68 13.43 -5.26
N GLY C 169 19.46 12.34 -5.21
CA GLY C 169 20.77 12.29 -5.83
C GLY C 169 20.73 12.11 -7.34
N GLN C 170 21.85 11.61 -7.87
CA GLN C 170 22.01 11.41 -9.30
C GLN C 170 21.61 10.00 -9.73
N ASN C 171 21.06 9.91 -10.95
CA ASN C 171 20.75 8.61 -11.59
C ASN C 171 19.79 7.76 -10.75
N CYS C 172 18.87 8.40 -10.04
CA CYS C 172 17.80 7.69 -9.35
C CYS C 172 16.64 7.41 -10.30
N LEU C 173 15.78 6.49 -9.90
CA LEU C 173 14.58 6.17 -10.70
C LEU C 173 13.44 5.89 -9.74
N ILE C 174 12.32 6.60 -9.90
CA ILE C 174 11.19 6.47 -8.99
C ILE C 174 9.94 6.12 -9.79
N GLN C 175 9.29 5.03 -9.43
CA GLN C 175 8.13 4.55 -10.17
C GLN C 175 6.87 5.28 -9.71
N SER C 176 5.80 5.14 -10.52
CA SER C 176 4.59 5.94 -10.34
C SER C 176 3.92 5.70 -9.00
N GLY C 177 3.19 6.72 -8.54
CA GLY C 177 2.41 6.67 -7.31
C GLY C 177 3.23 6.83 -6.04
N THR C 178 4.55 6.85 -6.13
CA THR C 178 5.36 6.97 -4.94
C THR C 178 5.26 8.38 -4.39
N VAL C 179 5.36 8.50 -3.06
CA VAL C 179 5.27 9.79 -2.39
C VAL C 179 6.50 9.91 -1.51
N VAL C 180 7.30 10.95 -1.72
CA VAL C 180 8.50 11.19 -0.93
C VAL C 180 8.32 12.50 -0.14
N GLY C 181 8.38 12.40 1.18
CA GLY C 181 8.42 13.59 2.01
C GLY C 181 7.13 13.99 2.67
N ALA C 182 6.11 13.12 2.69
CA ALA C 182 4.91 13.41 3.46
C ALA C 182 5.25 13.53 4.95
N ASP C 183 4.34 14.13 5.71
CA ASP C 183 4.53 14.22 7.15
C ASP C 183 4.70 12.85 7.78
N GLY C 184 5.71 12.72 8.64
CA GLY C 184 5.78 11.56 9.51
C GLY C 184 4.61 11.52 10.49
N PHE C 185 4.40 10.33 11.06
CA PHE C 185 3.29 10.05 11.97
C PHE C 185 3.67 10.54 13.38
N GLY C 186 3.68 11.87 13.52
CA GLY C 186 4.12 12.51 14.75
C GLY C 186 3.04 13.33 15.40
N TYR C 187 2.65 12.93 16.61
CA TYR C 187 1.55 13.52 17.36
C TYR C 187 1.85 13.35 18.84
N ALA C 188 1.60 14.41 19.61
CA ALA C 188 1.63 14.31 21.06
C ALA C 188 0.22 14.10 21.58
N ASN C 189 0.10 13.41 22.70
CA ASN C 189 -1.20 13.12 23.29
C ASN C 189 -1.51 14.09 24.41
N ASP C 190 -2.65 14.75 24.32
CA ASP C 190 -3.12 15.72 25.30
C ASP C 190 -4.49 15.26 25.81
N ARG C 191 -4.48 14.52 26.92
CA ARG C 191 -5.73 14.07 27.54
C ARG C 191 -6.58 13.29 26.54
N GLY C 192 -5.92 12.45 25.74
CA GLY C 192 -6.59 11.62 24.76
C GLY C 192 -6.74 12.23 23.38
N ASN C 193 -6.53 13.55 23.24
CA ASN C 193 -6.56 14.20 21.94
C ASN C 193 -5.16 14.25 21.35
N TRP C 194 -5.06 14.03 20.05
CA TRP C 194 -3.78 14.07 19.36
C TRP C 194 -3.44 15.50 18.95
N VAL C 195 -2.20 15.92 19.22
CA VAL C 195 -1.70 17.25 18.87
C VAL C 195 -0.63 17.07 17.81
N LYS C 196 -0.85 17.63 16.63
CA LYS C 196 0.09 17.43 15.53
C LYS C 196 1.47 18.00 15.86
N ILE C 197 2.50 17.22 15.58
CA ILE C 197 3.88 17.69 15.63
C ILE C 197 4.32 18.00 14.18
N PRO C 198 4.50 19.26 13.82
CA PRO C 198 4.94 19.54 12.45
C PRO C 198 6.24 18.79 12.15
N GLN C 199 6.35 18.26 10.94
CA GLN C 199 7.50 17.44 10.56
C GLN C 199 8.38 18.29 9.66
N ILE C 200 9.42 18.91 10.24
CA ILE C 200 10.20 19.93 9.56
C ILE C 200 11.60 19.45 9.20
N GLY C 201 11.90 18.18 9.42
CA GLY C 201 13.03 17.55 8.76
C GLY C 201 12.69 17.27 7.30
N ARG C 202 13.59 16.54 6.65
CA ARG C 202 13.50 16.29 5.21
C ARG C 202 13.65 14.81 4.87
N VAL C 203 13.76 14.52 3.58
CA VAL C 203 14.25 13.23 3.09
C VAL C 203 15.49 13.51 2.26
N ILE C 204 16.56 12.77 2.53
CA ILE C 204 17.79 12.82 1.73
C ILE C 204 17.89 11.47 1.03
N ILE C 205 17.82 11.46 -0.29
CA ILE C 205 17.97 10.23 -1.06
C ILE C 205 19.30 10.29 -1.80
N GLY C 206 20.08 9.22 -1.71
CA GLY C 206 21.42 9.18 -2.28
C GLY C 206 21.40 8.99 -3.79
N ASP C 207 22.55 8.59 -4.33
CA ASP C 207 22.67 8.35 -5.76
C ASP C 207 22.28 6.92 -6.12
N ARG C 208 21.75 6.76 -7.33
CA ARG C 208 21.47 5.43 -7.87
C ARG C 208 20.44 4.69 -7.02
N VAL C 209 19.51 5.40 -6.43
CA VAL C 209 18.43 4.79 -5.67
C VAL C 209 17.28 4.48 -6.61
N GLU C 210 16.68 3.29 -6.47
CA GLU C 210 15.51 2.90 -7.24
C GLU C 210 14.36 2.61 -6.27
N ILE C 211 13.21 3.23 -6.51
CA ILE C 211 12.06 3.12 -5.62
C ILE C 211 10.88 2.67 -6.47
N GLY C 212 10.18 1.64 -6.01
CA GLY C 212 9.07 1.06 -6.73
C GLY C 212 7.81 1.90 -6.59
N ALA C 213 6.71 1.35 -7.09
CA ALA C 213 5.46 2.10 -7.22
C ALA C 213 4.69 2.12 -5.90
N CYS C 214 4.03 3.27 -5.61
CA CYS C 214 3.20 3.46 -4.42
C CYS C 214 3.95 3.17 -3.12
N THR C 215 5.25 3.41 -3.10
CA THR C 215 6.00 3.43 -1.87
C THR C 215 5.91 4.83 -1.25
N THR C 216 5.90 4.88 0.08
CA THR C 216 5.84 6.16 0.78
C THR C 216 7.07 6.28 1.68
N ILE C 217 7.77 7.40 1.57
CA ILE C 217 8.94 7.69 2.39
C ILE C 217 8.67 9.03 3.08
N ASP C 218 8.45 8.99 4.39
CA ASP C 218 8.08 10.21 5.11
C ASP C 218 9.31 11.03 5.48
N ARG C 219 9.11 12.36 5.53
CA ARG C 219 10.14 13.29 5.99
C ARG C 219 10.35 13.15 7.49
N GLY C 220 11.52 13.59 7.96
CA GLY C 220 11.84 13.48 9.38
C GLY C 220 11.18 14.57 10.21
N ALA C 221 11.12 14.32 11.52
CA ALA C 221 10.44 15.28 12.40
C ALA C 221 11.27 16.53 12.60
N LEU C 222 12.58 16.36 12.82
CA LEU C 222 13.50 17.48 13.01
C LEU C 222 14.75 17.23 12.17
N ASP C 223 15.41 16.11 12.42
CA ASP C 223 16.48 15.61 11.57
C ASP C 223 15.84 14.83 10.42
N ASP C 224 16.64 14.18 9.57
CA ASP C 224 16.15 13.71 8.29
C ASP C 224 15.97 12.19 8.22
N THR C 225 15.00 11.78 7.39
CA THR C 225 14.94 10.44 6.83
C THR C 225 16.03 10.32 5.76
N ILE C 226 16.81 9.24 5.80
CA ILE C 226 17.98 9.13 4.92
C ILE C 226 17.97 7.79 4.20
N ILE C 227 18.07 7.85 2.87
CA ILE C 227 18.18 6.67 2.03
C ILE C 227 19.58 6.68 1.40
N GLY C 228 20.39 5.66 1.72
CA GLY C 228 21.76 5.61 1.25
C GLY C 228 21.88 5.38 -0.25
N ASN C 229 23.12 5.44 -0.75
CA ASN C 229 23.36 5.24 -2.17
C ASN C 229 23.09 3.80 -2.58
N GLY C 230 22.59 3.62 -3.80
CA GLY C 230 22.51 2.26 -4.33
C GLY C 230 21.41 1.43 -3.72
N VAL C 231 20.61 1.99 -2.82
CA VAL C 231 19.48 1.29 -2.22
C VAL C 231 18.43 1.00 -3.28
N ILE C 232 17.83 -0.20 -3.21
CA ILE C 232 16.68 -0.56 -4.05
C ILE C 232 15.51 -0.89 -3.15
N ILE C 233 14.37 -0.25 -3.42
CA ILE C 233 13.13 -0.43 -2.65
C ILE C 233 12.00 -0.78 -3.63
N ASP C 234 11.26 -1.84 -3.33
CA ASP C 234 10.21 -2.38 -4.20
C ASP C 234 8.90 -1.62 -3.95
N ASN C 235 7.77 -2.16 -4.41
CA ASN C 235 6.47 -1.49 -4.34
C ASN C 235 5.87 -1.47 -2.93
N GLN C 236 5.11 -0.40 -2.66
CA GLN C 236 4.25 -0.29 -1.49
C GLN C 236 4.98 -0.53 -0.16
N CYS C 237 6.24 -0.10 -0.07
CA CYS C 237 6.90 -0.06 1.22
C CYS C 237 6.54 1.23 1.93
N GLN C 238 6.53 1.19 3.26
CA GLN C 238 6.35 2.36 4.10
C GLN C 238 7.66 2.59 4.86
N ILE C 239 8.32 3.71 4.58
CA ILE C 239 9.52 4.11 5.28
C ILE C 239 9.15 5.30 6.16
N ALA C 240 9.10 5.09 7.47
CA ALA C 240 8.61 6.09 8.41
C ALA C 240 9.61 7.22 8.62
N HIS C 241 9.16 8.26 9.33
CA HIS C 241 10.03 9.41 9.56
C HIS C 241 11.30 8.99 10.31
N ASN C 242 12.43 9.57 9.90
CA ASN C 242 13.72 9.40 10.55
C ASN C 242 14.28 7.98 10.44
N VAL C 243 13.75 7.17 9.54
CA VAL C 243 14.42 5.91 9.20
C VAL C 243 15.70 6.24 8.43
N VAL C 244 16.76 5.45 8.67
CA VAL C 244 18.01 5.56 7.93
C VAL C 244 18.28 4.19 7.31
N ILE C 245 18.48 4.14 5.99
CA ILE C 245 18.74 2.89 5.28
C ILE C 245 20.12 2.97 4.65
N GLY C 246 20.99 2.03 5.03
CA GLY C 246 22.37 2.09 4.59
C GLY C 246 22.54 1.74 3.12
N ASP C 247 23.66 2.21 2.57
CA ASP C 247 24.02 1.95 1.17
C ASP C 247 23.83 0.50 0.77
N ASN C 248 23.31 0.31 -0.45
CA ASN C 248 23.22 -0.97 -1.14
C ASN C 248 22.18 -1.92 -0.55
N THR C 249 21.47 -1.53 0.50
CA THR C 249 20.44 -2.37 1.06
C THR C 249 19.26 -2.52 0.09
N ALA C 250 18.68 -3.71 0.06
CA ALA C 250 17.51 -4.03 -0.75
C ALA C 250 16.30 -4.25 0.15
N VAL C 251 15.18 -3.62 -0.19
CA VAL C 251 13.94 -3.75 0.59
C VAL C 251 12.87 -4.24 -0.38
N ALA C 252 12.44 -5.49 -0.20
CA ALA C 252 11.43 -6.09 -1.09
C ALA C 252 10.01 -5.56 -0.81
N GLY C 253 9.05 -6.02 -1.60
CA GLY C 253 7.73 -5.37 -1.63
C GLY C 253 6.99 -5.42 -0.30
N GLY C 254 6.28 -4.32 0.01
CA GLY C 254 5.31 -4.33 1.09
C GLY C 254 5.88 -4.30 2.49
N VAL C 255 7.16 -3.91 2.64
CA VAL C 255 7.79 -3.85 3.96
C VAL C 255 7.31 -2.60 4.69
N ILE C 256 7.01 -2.76 5.98
CA ILE C 256 6.55 -1.65 6.83
C ILE C 256 7.61 -1.40 7.88
N MET C 257 8.16 -0.19 7.91
CA MET C 257 9.15 0.21 8.89
C MET C 257 8.62 1.33 9.75
N ALA C 258 8.77 1.21 11.07
CA ALA C 258 8.33 2.24 11.99
C ALA C 258 9.44 3.29 12.17
N GLY C 259 9.09 4.38 12.85
CA GLY C 259 9.97 5.54 12.88
C GLY C 259 11.27 5.29 13.62
N SER C 260 12.31 5.97 13.16
CA SER C 260 13.63 5.99 13.76
C SER C 260 14.32 4.65 13.74
N LEU C 261 13.94 3.78 12.80
CA LEU C 261 14.71 2.56 12.56
C LEU C 261 15.99 2.90 11.78
N LYS C 262 17.11 2.31 12.19
CA LYS C 262 18.33 2.37 11.42
C LYS C 262 18.68 0.99 10.88
N ILE C 263 18.81 0.90 9.57
CA ILE C 263 19.20 -0.34 8.90
C ILE C 263 20.59 -0.12 8.33
N GLY C 264 21.47 -1.10 8.52
CA GLY C 264 22.84 -0.97 8.07
C GLY C 264 22.98 -1.04 6.56
N ARG C 265 24.25 -1.04 6.14
CA ARG C 265 24.60 -1.29 4.75
C ARG C 265 24.49 -2.77 4.40
N TYR C 266 24.25 -3.04 3.13
CA TYR C 266 24.33 -4.41 2.59
C TYR C 266 23.28 -5.34 3.21
N CYS C 267 22.15 -4.80 3.67
CA CYS C 267 21.08 -5.65 4.20
C CYS C 267 20.10 -6.07 3.10
N MET C 268 19.31 -7.10 3.41
CA MET C 268 18.30 -7.59 2.49
C MET C 268 17.04 -7.88 3.31
N ILE C 269 15.98 -7.10 3.09
CA ILE C 269 14.75 -7.19 3.89
C ILE C 269 13.67 -7.82 3.01
N GLY C 270 13.26 -9.04 3.35
CA GLY C 270 12.31 -9.76 2.52
C GLY C 270 10.91 -9.15 2.51
N GLY C 271 10.16 -9.48 1.45
CA GLY C 271 8.86 -8.86 1.26
C GLY C 271 7.92 -9.07 2.43
N ALA C 272 7.09 -8.03 2.70
CA ALA C 272 6.02 -8.08 3.69
C ALA C 272 6.55 -8.17 5.13
N SER C 273 7.85 -7.97 5.35
CA SER C 273 8.36 -7.88 6.72
C SER C 273 7.84 -6.63 7.43
N VAL C 274 7.89 -6.66 8.76
CA VAL C 274 7.42 -5.57 9.61
C VAL C 274 8.50 -5.31 10.64
N ILE C 275 8.97 -4.07 10.72
CA ILE C 275 10.14 -3.75 11.53
C ILE C 275 9.79 -2.64 12.52
N ASN C 276 10.04 -2.93 13.80
CA ASN C 276 9.81 -2.00 14.90
C ASN C 276 10.71 -0.78 14.75
N GLY C 277 10.35 0.31 15.43
CA GLY C 277 11.09 1.54 15.38
C GLY C 277 12.07 1.70 16.53
N HIS C 278 12.79 2.83 16.50
CA HIS C 278 13.69 3.23 17.59
C HIS C 278 14.68 2.12 17.95
N MET C 279 15.27 1.51 16.94
CA MET C 279 16.26 0.46 17.15
C MET C 279 17.11 0.36 15.89
N GLU C 280 18.09 -0.54 15.94
CA GLU C 280 19.06 -0.64 14.87
C GLU C 280 19.17 -2.09 14.37
N ILE C 281 19.40 -2.20 13.06
CA ILE C 281 19.77 -3.45 12.41
C ILE C 281 21.16 -3.24 11.83
N CYS C 282 22.09 -4.12 12.18
CA CYS C 282 23.48 -3.94 11.79
C CYS C 282 23.67 -4.27 10.29
N ASP C 283 24.91 -4.07 9.81
CA ASP C 283 25.22 -4.38 8.43
C ASP C 283 25.08 -5.87 8.14
N LYS C 284 24.78 -6.19 6.89
CA LYS C 284 24.86 -7.56 6.37
C LYS C 284 23.85 -8.47 7.08
N VAL C 285 22.63 -7.97 7.27
CA VAL C 285 21.54 -8.74 7.83
C VAL C 285 20.54 -9.05 6.71
N THR C 286 20.10 -10.31 6.64
CA THR C 286 19.01 -10.73 5.77
C THR C 286 17.83 -11.16 6.64
N VAL C 287 16.67 -10.56 6.41
CA VAL C 287 15.42 -10.95 7.06
C VAL C 287 14.56 -11.59 5.98
N THR C 288 14.14 -12.84 6.18
CA THR C 288 13.32 -13.48 5.16
C THR C 288 11.89 -12.94 5.21
N GLY C 289 11.10 -13.29 4.19
CA GLY C 289 9.84 -12.61 3.95
C GLY C 289 8.87 -12.77 5.12
N MET C 290 8.07 -11.74 5.33
CA MET C 290 7.10 -11.66 6.42
C MET C 290 7.76 -11.67 7.78
N GLY C 291 9.01 -11.25 7.87
CA GLY C 291 9.70 -11.25 9.14
C GLY C 291 9.06 -10.28 10.14
N MET C 292 8.93 -10.75 11.37
CA MET C 292 8.37 -9.94 12.48
C MET C 292 9.55 -9.48 13.32
N VAL C 293 10.06 -8.29 13.02
CA VAL C 293 11.31 -7.81 13.59
C VAL C 293 10.96 -6.90 14.77
N MET C 294 10.95 -7.47 15.96
CA MET C 294 10.56 -6.76 17.16
C MET C 294 11.75 -6.11 17.87
N ARG C 295 12.92 -6.74 17.82
CA ARG C 295 14.09 -6.37 18.61
C ARG C 295 15.25 -6.00 17.70
N PRO C 296 16.24 -5.26 18.22
CA PRO C 296 17.42 -4.92 17.42
C PRO C 296 18.13 -6.18 16.95
N ILE C 297 18.80 -6.06 15.81
CA ILE C 297 19.61 -7.16 15.27
C ILE C 297 21.05 -6.68 15.30
N THR C 298 21.88 -7.37 16.08
CA THR C 298 23.24 -6.89 16.38
C THR C 298 24.33 -7.74 15.75
N GLU C 299 23.98 -8.86 15.11
CA GLU C 299 24.95 -9.71 14.45
C GLU C 299 24.50 -9.96 13.02
N PRO C 300 25.44 -10.03 12.07
CA PRO C 300 25.05 -10.32 10.69
C PRO C 300 24.55 -11.75 10.57
N GLY C 301 23.86 -12.00 9.47
CA GLY C 301 23.39 -13.33 9.16
C GLY C 301 21.93 -13.29 8.74
N VAL C 302 21.30 -14.47 8.76
CA VAL C 302 19.96 -14.66 8.22
C VAL C 302 18.99 -14.92 9.37
N TYR C 303 17.84 -14.23 9.34
CA TYR C 303 16.83 -14.28 10.39
C TYR C 303 15.45 -14.49 9.78
N SER C 304 14.59 -15.20 10.51
CA SER C 304 13.29 -15.58 9.98
C SER C 304 12.24 -15.63 11.09
N SER C 305 10.97 -15.54 10.68
CA SER C 305 9.86 -15.82 11.59
C SER C 305 8.67 -16.34 10.80
N GLY C 306 7.67 -16.78 11.53
CA GLY C 306 6.36 -17.11 11.00
C GLY C 306 6.12 -18.60 10.96
N ILE C 307 4.87 -18.99 11.13
CA ILE C 307 4.41 -20.38 11.04
C ILE C 307 3.64 -20.50 9.71
N PRO C 308 4.15 -21.24 8.74
CA PRO C 308 3.54 -21.22 7.40
C PRO C 308 2.24 -22.03 7.32
N LEU C 309 1.68 -22.00 6.12
CA LEU C 309 0.34 -22.51 5.83
C LEU C 309 0.20 -24.00 6.12
N GLN C 310 -1.01 -24.38 6.53
CA GLN C 310 -1.43 -25.77 6.63
C GLN C 310 -2.88 -25.89 6.14
N PRO C 311 -3.33 -27.11 5.87
CA PRO C 311 -4.78 -27.31 5.63
C PRO C 311 -5.56 -26.73 6.79
N ASN C 312 -6.71 -26.11 6.48
CA ASN C 312 -7.44 -25.39 7.53
C ASN C 312 -7.77 -26.29 8.73
N LYS C 313 -8.18 -27.53 8.48
CA LYS C 313 -8.50 -28.45 9.57
C LYS C 313 -7.29 -28.65 10.49
N VAL C 314 -6.10 -28.72 9.90
CA VAL C 314 -4.88 -28.88 10.67
C VAL C 314 -4.52 -27.58 11.39
N TRP C 315 -4.62 -26.45 10.68
CA TRP C 315 -4.29 -25.15 11.28
C TRP C 315 -5.14 -24.90 12.53
N ARG C 316 -6.43 -25.24 12.48
CA ARG C 316 -7.28 -25.01 13.63
C ARG C 316 -6.67 -25.63 14.89
N LYS C 317 -6.17 -26.88 14.78
CA LYS C 317 -5.56 -27.55 15.93
C LYS C 317 -4.22 -26.92 16.29
N THR C 318 -3.39 -26.59 15.29
CA THR C 318 -2.11 -25.94 15.57
C THR C 318 -2.32 -24.63 16.34
N ALA C 319 -3.23 -23.78 15.84
CA ALA C 319 -3.45 -22.50 16.49
C ALA C 319 -3.97 -22.68 17.92
N ALA C 320 -4.94 -23.57 18.12
CA ALA C 320 -5.48 -23.79 19.46
C ALA C 320 -4.41 -24.33 20.40
N LEU C 321 -3.58 -25.26 19.92
CA LEU C 321 -2.57 -25.84 20.80
C LEU C 321 -1.49 -24.82 21.15
N VAL C 322 -1.07 -23.99 20.19
CA VAL C 322 -0.08 -22.97 20.50
C VAL C 322 -0.63 -21.95 21.47
N MET C 323 -1.90 -21.55 21.27
CA MET C 323 -2.47 -20.55 22.18
C MET C 323 -2.53 -21.05 23.61
N ASN C 324 -2.67 -22.37 23.79
CA ASN C 324 -2.73 -23.02 25.09
CA ASN C 324 -2.72 -22.99 25.11
C ASN C 324 -1.41 -23.69 25.46
N ILE C 325 -0.29 -23.23 24.89
CA ILE C 325 0.98 -23.93 25.10
C ILE C 325 1.44 -23.83 26.56
N ASP C 326 1.03 -22.79 27.29
CA ASP C 326 1.41 -22.72 28.70
C ASP C 326 0.85 -23.90 29.48
N ASP C 327 -0.40 -24.29 29.19
CA ASP C 327 -0.97 -25.46 29.86
C ASP C 327 -0.22 -26.73 29.49
N MET C 328 0.17 -26.86 28.22
CA MET C 328 0.96 -28.02 27.79
C MET C 328 2.30 -28.05 28.51
N SER C 329 2.96 -26.90 28.63
CA SER C 329 4.20 -26.79 29.39
C SER C 329 4.03 -27.25 30.84
N LYS C 330 2.95 -26.83 31.49
CA LYS C 330 2.74 -27.22 32.88
C LYS C 330 2.49 -28.72 33.00
N ARG C 331 1.69 -29.27 32.08
CA ARG C 331 1.48 -30.71 32.07
C ARG C 331 2.79 -31.46 31.90
N LEU C 332 3.68 -30.97 31.04
CA LEU C 332 4.97 -31.61 30.86
C LEU C 332 5.76 -31.59 32.16
N LYS C 333 5.83 -30.43 32.81
CA LYS C 333 6.58 -30.31 34.06
C LYS C 333 6.04 -31.27 35.11
N SER C 334 4.71 -31.28 35.27
CA SER C 334 4.07 -32.15 36.25
C SER C 334 4.38 -33.61 35.97
N LEU C 335 4.35 -34.01 34.70
CA LEU C 335 4.66 -35.40 34.37
C LEU C 335 6.12 -35.72 34.64
N GLU C 336 7.02 -34.76 34.41
CA GLU C 336 8.41 -34.98 34.74
C GLU C 336 8.59 -35.22 36.24
N ARG C 337 7.93 -34.41 37.07
CA ARG C 337 8.03 -34.62 38.52
C ARG C 337 7.46 -35.97 38.92
N LYS C 338 6.30 -36.34 38.36
CA LYS C 338 5.68 -37.60 38.72
C LYS C 338 6.56 -38.79 38.34
N VAL C 339 7.26 -38.70 37.21
CA VAL C 339 8.13 -39.79 36.78
C VAL C 339 9.42 -39.82 37.61
N ASN C 340 9.97 -38.65 37.93
CA ASN C 340 11.18 -38.56 38.74
C ASN C 340 10.86 -38.67 40.23
MG MG D . 0.90 -5.38 4.37
MG MG E . -3.46 21.18 -17.31
C2 O4S F . 6.30 -3.98 18.24
C3 O4S F . 5.68 -2.16 16.71
C11 O4S F . 5.63 -1.83 19.20
C12 O4S F . 5.85 -2.38 14.29
C13 O4S F . 4.12 -1.68 19.46
C15 O4S F . 5.24 -1.14 14.11
C19 O4S F . 7.02 -5.02 14.56
C20 O4S F . 2.23 -0.50 20.59
C21 O4S F . 1.69 0.64 19.75
C22 O4S F . 0.80 2.79 18.20
C23 O4S F . 2.43 1.81 19.68
C24 O4S F . 0.48 0.53 19.05
C25 O4S F . 5.47 -5.89 16.90
C26 O4S F . 1.99 2.87 18.90
C27 O4S F . 0.04 1.62 18.25
C28 O4S F . 3.68 3.19 15.57
C29 O4S F . 5.39 2.05 16.92
C30 O4S F . 0.40 4.00 17.41
C31 O4S F . 5.90 -6.05 14.45
C32 O4S F . 4.32 4.21 16.53
C33 O4S F . 5.66 3.57 16.95
C34 O4S F . 5.80 -6.87 15.76
C35 O4S F . -1.08 3.93 17.09
C5 O4S F . 6.10 -2.91 15.58
C6 O4S F . 6.62 -4.88 17.06
C7 O4S F . 4.18 0.87 14.98
C8 O4S F . 5.06 -0.90 16.51
C9 O4S F . 4.86 -0.42 15.20
N1 O4S F . 5.87 -2.67 18.03
N10 O4S F . 4.43 1.94 15.79
N17 O4S F . 3.70 -0.68 20.32
N4 O4S F . 6.81 -4.14 15.77
O14 O4S F . 6.40 -4.41 19.38
O16 O4S F . 3.41 1.02 14.06
O18 O4S F . 3.30 -2.41 18.90
H39 O4S F . 6.13 -2.25 20.06
H38 O4S F . 6.09 -0.86 19.05
H40 O4S F . 6.14 -2.94 13.40
H41 O4S F . 5.07 -0.77 13.10
H43 O4S F . 7.04 -4.43 13.64
H44 O4S F . 7.98 -5.54 14.61
H45 O4S F . 2.05 -0.30 21.65
H46 O4S F . 1.68 -1.42 20.38
H47 O4S F . 3.36 1.89 20.23
H48 O4S F . -0.12 -0.37 19.09
H50 O4S F . 5.31 -6.44 17.82
H49 O4S F . 4.53 -5.38 16.70
H51 O4S F . 2.58 3.78 18.86
H52 O4S F . -0.90 1.54 17.70
H53 O4S F . 2.62 3.04 15.74
H54 O4S F . 3.76 3.50 14.52
H55 O4S F . 6.30 1.46 16.73
H56 O4S F . 4.98 1.67 17.85
H57 O4S F . 0.99 4.06 16.49
H58 O4S F . 0.64 4.90 17.96
H60 O4S F . 4.97 -5.54 14.23
H59 O4S F . 6.09 -6.70 13.60
H61 O4S F . 3.66 4.38 17.39
H62 O4S F . 4.44 5.18 16.07
H64 O4S F . 6.47 3.86 16.28
H63 O4S F . 5.98 3.91 17.94
H65 O4S F . 5.04 -7.65 15.67
H66 O4S F . 6.73 -7.41 15.95
H67 O4S F . -1.33 3.06 16.48
H69 O4S F . -1.42 4.81 16.53
H68 O4S F . -1.69 3.87 17.99
H36 O4S F . 7.56 -5.37 17.35
H37 O4S F . 4.73 -0.28 17.34
H42 O4S F . 4.36 -0.07 20.79
C2 O3V G . -12.83 -9.98 1.88
C3 O3V G . -12.25 -11.31 1.97
C4 O3V G . -12.81 -12.37 1.21
C5 O3V G . -13.92 -12.06 0.40
C6 O3V G . -14.70 -13.10 -0.33
C7 O3V G . -15.91 -12.64 -1.15
C8 O3V G . -15.70 -11.27 -1.76
C13 O3V G . -11.20 -11.18 2.87
C17 O3V G . -8.86 -9.31 6.16
C18 O3V G . -8.49 -7.98 5.91
C19 O3V G . -9.00 -7.28 4.80
C20 O3V G . -9.89 -7.93 3.93
C21 O3V G . -14.50 -11.28 -2.70
C22 O3V G . -16.95 -10.84 -2.55
C25 O3V G . -12.18 -14.46 2.48
C26 O3V G . -11.30 -15.61 2.36
C27 O3V G . -10.66 -15.63 1.16
C10 O3V G . -14.39 -10.69 0.34
C15 O3V G . -10.24 -9.25 4.19
C16 O3V G . -9.74 -9.98 5.29
C24 O3V G . -12.13 -13.66 1.34
C9 O3V G . -15.51 -10.29 -0.60
N1 O3V G . -13.90 -9.67 1.06
N11 O3V G . -11.18 -9.88 3.29
N12 O3V G . -12.18 -9.10 2.70
O14 O3V G . -14.42 -14.29 -0.26
O23 O3V G . -10.26 -12.01 3.31
S28 O3V G . -11.06 -14.30 0.15
H29 O3V G . -16.79 -12.65 -0.52
H30 O3V G . -16.10 -13.38 -1.93
H34 O3V G . -8.46 -9.84 7.02
H35 O3V G . -7.81 -7.46 6.59
H36 O3V G . -8.71 -6.25 4.62
H37 O3V G . -10.30 -7.41 3.06
H39 O3V G . -14.55 -12.07 -3.46
H38 O3V G . -13.55 -11.45 -2.17
H40 O3V G . -14.37 -10.35 -3.25
H41 O3V G . -17.15 -11.48 -3.41
H42 O3V G . -16.86 -9.83 -2.95
H43 O3V G . -17.85 -10.84 -1.95
H45 O3V G . -12.79 -14.27 3.36
H46 O3V G . -11.20 -16.36 3.15
H47 O3V G . -9.95 -16.39 0.81
H33 O3V G . -10.02 -11.01 5.47
H32 O3V G . -16.45 -10.19 -0.05
H31 O3V G . -15.31 -9.30 -1.00
H44 O3V G . -10.39 -12.87 2.85
C2 O3V H . 12.18 -10.33 -3.75
C3 O3V H . 12.79 -10.63 -2.47
C4 O3V H . 14.19 -10.58 -2.32
C5 O3V H . 14.93 -10.28 -3.48
C6 O3V H . 16.36 -10.43 -3.55
C7 O3V H . 17.08 -10.18 -4.87
C8 O3V H . 16.42 -9.07 -5.67
C13 O3V H . 11.71 -10.90 -1.61
C17 O3V H . 6.94 -10.17 -2.03
C18 O3V H . 6.58 -11.14 -1.10
C19 O3V H . 7.55 -12.00 -0.56
C20 O3V H . 8.88 -11.90 -0.94
C21 O3V H . 16.51 -7.77 -4.86
C22 O3V H . 17.11 -8.92 -7.04
C25 O3V H . 14.67 -12.18 -0.40
C26 O3V H . 15.09 -12.14 0.99
C27 O3V H . 15.41 -10.88 1.39
C10 O3V H . 14.23 -9.95 -4.71
C15 O3V H . 9.23 -10.91 -1.89
C16 O3V H . 8.27 -10.03 -2.44
C24 O3V H . 14.68 -10.90 -0.98
C9 O3V H . 14.98 -9.47 -5.95
N1 O3V H . 12.92 -9.98 -4.89
N11 O3V H . 10.56 -10.78 -2.35
N12 O3V H . 10.82 -10.42 -3.68
O14 O3V H . 16.99 -10.78 -2.57
O23 O3V H . 11.64 -11.21 -0.34
S28 O3V H . 15.23 -9.70 0.14
H29 O3V H . 18.13 -9.95 -4.67
H30 O3V H . 17.10 -11.11 -5.45
H34 O3V H . 6.17 -9.50 -2.44
H35 O3V H . 5.54 -11.24 -0.79
H36 O3V H . 7.25 -12.76 0.16
H37 O3V H . 9.63 -12.58 -0.54
H39 O3V H . 16.09 -6.92 -5.39
H38 O3V H . 15.96 -7.81 -3.91
H40 O3V H . 17.53 -7.49 -4.60
H41 O3V H . 17.08 -9.83 -7.63
H42 O3V H . 16.67 -8.14 -7.64
H43 O3V H . 18.17 -8.67 -6.94
H45 O3V H . 14.38 -13.10 -0.91
H46 O3V H . 15.13 -13.03 1.62
H47 O3V H . 15.76 -10.57 2.38
H33 O3V H . 8.56 -9.27 -3.16
H32 O3V H . 14.96 -10.23 -6.71
H31 O3V H . 14.46 -8.62 -6.39
H44 O3V H . 12.57 -11.22 0.01
#